data_7DZ9
#
_entry.id   7DZ9
#
_cell.length_a   81.915
_cell.length_b   69.065
_cell.length_c   82.573
_cell.angle_alpha   90.000
_cell.angle_beta   93.590
_cell.angle_gamma   90.000
#
_symmetry.space_group_name_H-M   'P 1 21 1'
#
loop_
_entity.id
_entity.type
_entity.pdbx_description
1 polymer MbnB
2 polymer cpMbnB
3 polymer MbnC
4 polymer MbnA
5 polymer MbnA
6 non-polymer 'FE (III) ION'
7 water water
#
loop_
_entity_poly.entity_id
_entity_poly.type
_entity_poly.pdbx_seq_one_letter_code
_entity_poly.pdbx_strand_id
1 'polypeptide(L)'
;MNVGVNWSGQRELPCINQLFLTRDIDFVELLIDNFLTTDVDSIKAFLAGRPCAFHIMNSQFLHKDERELLAMAKIINKLI
HSLQPIYISDHIGKFYHRGQALPQMLEVDYGLQTHSTIKKVKAWSSLLDGKLLLENYPSIFPQDMSQIDFFKRILEETYC
GLLFDISNAFIAEVNIKQSRTSWFDLIKHCQHFHIAGFENAPDNQFLVDTHSQCIEEPVLSFLQEVNNATSIATISVERD
ENFDVSDWALDIDNVRNRVS
;
A
2 'polypeptide(L)'
;MNVGINWSGQRELPCINQLFLTRDIDFVELLIDNFLTTDVDSIKAFLAGRPCAFHIMNSQFLHKDERELLAMAKIINKLI
HSLQPIYISDHIGKFYHRGQALPQMLEVDYGLQTHSTIKKVKAWSSLLDGKLLLENYPSIFPQDMSQIDFFKRILEETYC
GLLFDISNAFIAEVNIKQSRTSWFDLIKHCQHFHIAGFENAPDNQFLVDTHSQCIEEPVLSFLQEVNNATSIATISVERD
ENFDVSDWALDIDNVRNRVS
;
B
3 'polypeptide(L)'
;MEEILDRIINPLSAKPLTKKEHIYTSLVLQSSQSLILSACPSLQSQRQFCSFEYHQQFIDWCFFNKKRTDWCLALSFYQY
LSYKNEQVSVEILKELIHLACSQWTYADKSTNQTVVICHTRLPSMVFGGNKSLFAQEFREVFLLETEQLKPFIQSHVPDG
YFVYWILRDDSEYPSTMGEK
;
D,C
4 'polypeptide(L)' MKNDKKVVVKVKDKEMTCGAFNK E
5 'polypeptide(L)' MKNDKKVVVKVKDKEMTCGAFN F
#
loop_
_chem_comp.id
_chem_comp.type
_chem_comp.name
_chem_comp.formula
FE non-polymer 'FE (III) ION' 'Fe 3'
#
# COMPACT_ATOMS: atom_id res chain seq x y z
N MET A 1 -37.67 -28.73 -0.45
CA MET A 1 -36.25 -28.52 -0.22
C MET A 1 -35.51 -28.66 -1.55
N ASN A 2 -34.96 -27.57 -2.03
CA ASN A 2 -34.08 -27.60 -3.19
C ASN A 2 -32.68 -27.98 -2.73
N VAL A 3 -32.12 -29.02 -3.33
CA VAL A 3 -30.79 -29.50 -2.98
C VAL A 3 -29.85 -29.12 -4.12
N GLY A 4 -28.77 -28.40 -3.78
CA GLY A 4 -27.82 -27.95 -4.79
C GLY A 4 -26.39 -28.26 -4.48
N VAL A 5 -25.48 -27.72 -5.30
CA VAL A 5 -24.04 -27.92 -5.18
C VAL A 5 -23.34 -26.58 -5.43
N ASN A 6 -22.07 -26.51 -5.02
CA ASN A 6 -21.27 -25.31 -5.23
C ASN A 6 -20.40 -25.48 -6.47
N TRP A 7 -20.10 -24.34 -7.11
CA TRP A 7 -19.33 -24.29 -8.35
C TRP A 7 -18.38 -23.11 -8.22
N SER A 8 -17.09 -23.36 -8.15
CA SER A 8 -16.09 -22.31 -7.98
C SER A 8 -15.13 -22.16 -9.17
N GLY A 9 -15.14 -23.08 -10.13
CA GLY A 9 -14.17 -23.01 -11.21
C GLY A 9 -14.29 -24.14 -12.22
N GLN A 10 -13.20 -24.47 -12.88
CA GLN A 10 -13.25 -25.41 -14.00
C GLN A 10 -12.73 -26.80 -13.65
N ARG A 11 -11.92 -26.92 -12.58
CA ARG A 11 -11.43 -28.23 -12.16
C ARG A 11 -12.57 -29.24 -11.95
N GLU A 12 -13.70 -28.80 -11.38
CA GLU A 12 -14.82 -29.66 -11.03
C GLU A 12 -15.85 -29.84 -12.16
N LEU A 13 -15.68 -29.17 -13.29
CA LEU A 13 -16.70 -29.21 -14.34
C LEU A 13 -16.98 -30.63 -14.84
N PRO A 14 -15.98 -31.48 -15.13
CA PRO A 14 -16.29 -32.88 -15.49
C PRO A 14 -17.17 -33.55 -14.46
N CYS A 15 -16.89 -33.30 -13.17
CA CYS A 15 -17.66 -33.97 -12.14
C CYS A 15 -19.08 -33.40 -12.05
N ILE A 16 -19.22 -32.09 -12.17
CA ILE A 16 -20.55 -31.49 -12.17
C ILE A 16 -21.35 -31.94 -13.39
N ASN A 17 -20.70 -32.01 -14.56
CA ASN A 17 -21.41 -32.45 -15.75
C ASN A 17 -21.94 -33.87 -15.56
N GLN A 18 -21.18 -34.71 -14.87
CA GLN A 18 -21.65 -36.05 -14.55
C GLN A 18 -22.83 -36.02 -13.57
N LEU A 19 -22.76 -35.14 -12.57
CA LEU A 19 -23.88 -34.99 -11.65
C LEU A 19 -25.15 -34.56 -12.37
N PHE A 20 -25.02 -33.64 -13.33
CA PHE A 20 -26.19 -33.16 -14.08
C PHE A 20 -26.90 -34.31 -14.81
N LEU A 21 -26.15 -35.37 -15.17
CA LEU A 21 -26.68 -36.46 -15.97
C LEU A 21 -27.20 -37.63 -15.15
N THR A 22 -26.88 -37.70 -13.86
CA THR A 22 -27.24 -38.84 -13.05
C THR A 22 -28.03 -38.47 -11.80
N ARG A 23 -28.25 -37.18 -11.53
CA ARG A 23 -28.97 -36.77 -10.35
C ARG A 23 -29.73 -35.50 -10.67
N ASP A 24 -30.70 -35.19 -9.82
CA ASP A 24 -31.39 -33.91 -9.87
C ASP A 24 -30.60 -32.90 -9.03
N ILE A 25 -30.07 -31.89 -9.68
CA ILE A 25 -29.40 -30.77 -9.05
C ILE A 25 -30.36 -29.58 -9.16
N ASP A 26 -30.97 -29.18 -8.05
CA ASP A 26 -32.04 -28.19 -8.11
C ASP A 26 -31.52 -26.77 -8.33
N PHE A 27 -30.29 -26.48 -7.91
CA PHE A 27 -29.71 -25.14 -8.08
C PHE A 27 -28.21 -25.27 -7.96
N VAL A 28 -27.50 -24.23 -8.37
CA VAL A 28 -26.04 -24.20 -8.27
C VAL A 28 -25.62 -22.93 -7.56
N GLU A 29 -24.82 -23.07 -6.51
CA GLU A 29 -24.27 -21.91 -5.81
C GLU A 29 -22.92 -21.56 -6.41
N LEU A 30 -22.88 -20.48 -7.18
CA LEU A 30 -21.60 -20.03 -7.73
C LEU A 30 -20.81 -19.29 -6.65
N LEU A 31 -19.51 -19.58 -6.56
CA LEU A 31 -18.59 -18.70 -5.83
C LEU A 31 -18.34 -17.51 -6.75
N ILE A 32 -19.27 -16.55 -6.68
CA ILE A 32 -19.47 -15.61 -7.78
C ILE A 32 -18.24 -14.75 -8.02
N ASP A 33 -17.44 -14.49 -6.99
CA ASP A 33 -16.30 -13.63 -7.25
C ASP A 33 -15.17 -14.36 -8.03
N ASN A 34 -15.38 -15.60 -8.47
CA ASN A 34 -14.52 -16.30 -9.39
C ASN A 34 -14.99 -16.20 -10.84
N PHE A 35 -16.06 -15.45 -11.09
CA PHE A 35 -16.66 -15.37 -12.42
C PHE A 35 -16.85 -13.93 -12.88
N LEU A 36 -16.09 -12.99 -12.31
CA LEU A 36 -16.40 -11.59 -12.53
C LEU A 36 -16.10 -11.13 -13.95
N THR A 37 -15.22 -11.80 -14.70
CA THR A 37 -15.02 -11.49 -16.11
C THR A 37 -15.56 -12.59 -17.02
N THR A 38 -16.50 -13.39 -16.53
CA THR A 38 -17.06 -14.49 -17.29
C THR A 38 -18.28 -14.04 -18.08
N ASP A 39 -18.35 -14.44 -19.34
CA ASP A 39 -19.53 -14.18 -20.17
C ASP A 39 -20.78 -14.79 -19.51
N VAL A 40 -21.76 -13.93 -19.23
CA VAL A 40 -22.94 -14.35 -18.48
C VAL A 40 -23.74 -15.39 -19.27
N ASP A 41 -23.85 -15.23 -20.59
CA ASP A 41 -24.55 -16.23 -21.39
C ASP A 41 -23.87 -17.59 -21.32
N SER A 42 -22.53 -17.63 -21.32
CA SER A 42 -21.85 -18.92 -21.13
C SER A 42 -22.20 -19.53 -19.78
N ILE A 43 -22.40 -18.71 -18.75
CA ILE A 43 -22.82 -19.24 -17.44
C ILE A 43 -24.22 -19.82 -17.55
N LYS A 44 -25.14 -19.06 -18.16
CA LYS A 44 -26.51 -19.53 -18.34
C LYS A 44 -26.55 -20.81 -19.18
N ALA A 45 -25.72 -20.87 -20.24
CA ALA A 45 -25.67 -22.10 -21.04
C ALA A 45 -25.31 -23.31 -20.18
N PHE A 46 -24.31 -23.15 -19.30
CA PHE A 46 -23.92 -24.25 -18.44
C PHE A 46 -25.04 -24.61 -17.46
N LEU A 47 -25.70 -23.62 -16.87
CA LEU A 47 -26.75 -23.91 -15.89
C LEU A 47 -27.93 -24.61 -16.54
N ALA A 48 -28.18 -24.33 -17.83
CA ALA A 48 -29.23 -25.01 -18.62
C ALA A 48 -30.57 -24.96 -17.90
N GLY A 49 -30.90 -23.76 -17.41
CA GLY A 49 -32.19 -23.53 -16.77
C GLY A 49 -32.20 -23.67 -15.25
N ARG A 50 -31.18 -24.28 -14.66
CA ARG A 50 -31.17 -24.41 -13.21
C ARG A 50 -30.99 -23.04 -12.56
N PRO A 51 -31.74 -22.75 -11.50
CA PRO A 51 -31.50 -21.51 -10.74
C PRO A 51 -30.13 -21.50 -10.08
N CYS A 52 -29.67 -20.32 -9.71
CA CYS A 52 -28.37 -20.21 -9.08
C CYS A 52 -28.51 -19.39 -7.80
N ALA A 53 -27.47 -19.47 -6.98
CA ALA A 53 -27.29 -18.59 -5.83
C ALA A 53 -25.85 -18.09 -5.83
N PHE A 54 -25.59 -16.99 -5.11
CA PHE A 54 -24.24 -16.41 -5.05
C PHE A 54 -23.61 -16.59 -3.68
N HIS A 55 -22.32 -16.95 -3.69
CA HIS A 55 -21.48 -17.07 -2.51
C HIS A 55 -20.18 -16.32 -2.80
N ILE A 56 -19.82 -15.36 -1.94
CA ILE A 56 -18.66 -14.50 -2.16
C ILE A 56 -17.56 -14.91 -1.21
N MET A 57 -16.41 -15.30 -1.75
CA MET A 57 -15.27 -15.77 -0.98
C MET A 57 -14.32 -14.64 -0.58
N ASN A 58 -13.94 -13.78 -1.52
CA ASN A 58 -12.80 -12.88 -1.31
C ASN A 58 -13.16 -11.42 -1.53
N SER A 59 -14.32 -10.98 -1.05
CA SER A 59 -14.50 -9.55 -0.91
C SER A 59 -13.53 -9.01 0.11
N GLN A 60 -13.24 -9.80 1.16
CA GLN A 60 -12.38 -9.36 2.26
C GLN A 60 -12.88 -8.05 2.86
N PHE A 61 -14.21 -7.94 2.97
CA PHE A 61 -14.81 -6.62 3.23
C PHE A 61 -14.51 -6.10 4.62
N LEU A 62 -14.13 -6.96 5.57
CA LEU A 62 -13.74 -6.50 6.90
C LEU A 62 -12.41 -5.78 6.92
N HIS A 63 -11.63 -5.88 5.84
CA HIS A 63 -10.31 -5.27 5.74
C HIS A 63 -10.33 -3.98 4.93
N LYS A 64 -11.52 -3.49 4.57
CA LYS A 64 -11.64 -2.42 3.59
C LYS A 64 -12.60 -1.36 4.06
N ASP A 65 -12.36 -0.13 3.59
CA ASP A 65 -13.41 0.87 3.74
C ASP A 65 -14.41 0.70 2.61
N GLU A 66 -15.56 1.37 2.79
CA GLU A 66 -16.69 1.29 1.87
C GLU A 66 -16.29 1.62 0.45
N ARG A 67 -15.47 2.67 0.30
CA ARG A 67 -15.09 3.18 -1.01
C ARG A 67 -14.21 2.21 -1.78
N GLU A 68 -13.39 1.42 -1.08
CA GLU A 68 -12.58 0.41 -1.77
C GLU A 68 -13.45 -0.68 -2.40
N LEU A 69 -14.65 -0.93 -1.86
CA LEU A 69 -15.58 -1.96 -2.32
C LEU A 69 -16.48 -1.56 -3.51
N LEU A 70 -16.55 -0.26 -3.85
CA LEU A 70 -17.53 0.17 -4.85
C LEU A 70 -17.38 -0.58 -6.16
N ALA A 71 -16.15 -0.78 -6.64
CA ALA A 71 -15.96 -1.40 -7.95
C ALA A 71 -16.43 -2.85 -7.95
N MET A 72 -16.15 -3.58 -6.87
CA MET A 72 -16.56 -4.98 -6.79
C MET A 72 -18.07 -5.10 -6.68
N ALA A 73 -18.70 -4.22 -5.89
CA ALA A 73 -20.16 -4.21 -5.77
C ALA A 73 -20.81 -3.97 -7.12
N LYS A 74 -20.24 -3.06 -7.93
CA LYS A 74 -20.80 -2.80 -9.25
C LYS A 74 -20.81 -4.07 -10.11
N ILE A 75 -19.70 -4.81 -10.15
CA ILE A 75 -19.66 -6.02 -10.98
C ILE A 75 -20.64 -7.05 -10.47
N ILE A 76 -20.61 -7.30 -9.16
CA ILE A 76 -21.48 -8.31 -8.56
C ILE A 76 -22.94 -7.97 -8.83
N ASN A 77 -23.29 -6.69 -8.71
CA ASN A 77 -24.69 -6.27 -8.89
C ASN A 77 -25.16 -6.45 -10.33
N LYS A 78 -24.27 -6.23 -11.31
CA LYS A 78 -24.60 -6.55 -12.69
C LYS A 78 -24.87 -8.06 -12.83
N LEU A 79 -24.07 -8.89 -12.17
CA LEU A 79 -24.29 -10.34 -12.23
C LEU A 79 -25.55 -10.75 -11.48
N ILE A 80 -25.88 -10.06 -10.39
CA ILE A 80 -27.13 -10.29 -9.69
C ILE A 80 -28.31 -9.99 -10.60
N HIS A 81 -28.26 -8.85 -11.29
CA HIS A 81 -29.37 -8.47 -12.15
C HIS A 81 -29.55 -9.48 -13.29
N SER A 82 -28.45 -9.94 -13.88
CA SER A 82 -28.56 -10.82 -15.05
C SER A 82 -28.90 -12.27 -14.65
N LEU A 83 -28.39 -12.75 -13.52
CA LEU A 83 -28.59 -14.16 -13.16
C LEU A 83 -29.69 -14.38 -12.14
N GLN A 84 -30.16 -13.34 -11.46
CA GLN A 84 -31.22 -13.43 -10.46
C GLN A 84 -31.00 -14.57 -9.45
N PRO A 85 -29.93 -14.50 -8.65
CA PRO A 85 -29.69 -15.56 -7.67
C PRO A 85 -30.77 -15.62 -6.60
N ILE A 86 -31.02 -16.84 -6.12
CA ILE A 86 -31.99 -17.05 -5.04
C ILE A 86 -31.56 -16.32 -3.79
N TYR A 87 -30.26 -16.29 -3.52
CA TYR A 87 -29.73 -15.54 -2.40
C TYR A 87 -28.30 -15.11 -2.74
N ILE A 88 -27.79 -14.18 -1.97
CA ILE A 88 -26.40 -13.78 -2.06
C ILE A 88 -25.81 -13.86 -0.66
N SER A 89 -24.49 -14.13 -0.60
CA SER A 89 -23.90 -14.48 0.68
C SER A 89 -22.40 -14.19 0.66
N ASP A 90 -21.84 -13.93 1.85
CA ASP A 90 -20.41 -13.70 2.03
C ASP A 90 -19.99 -14.33 3.35
N HIS A 91 -18.72 -14.12 3.71
CA HIS A 91 -18.11 -14.73 4.88
C HIS A 91 -17.73 -13.69 5.91
N ILE A 92 -17.58 -14.16 7.15
CA ILE A 92 -16.94 -13.44 8.24
C ILE A 92 -15.55 -14.04 8.38
N GLY A 93 -14.55 -13.40 7.81
CA GLY A 93 -13.23 -14.02 7.74
C GLY A 93 -12.14 -13.00 7.88
N LYS A 94 -10.96 -13.50 8.25
CA LYS A 94 -9.76 -12.69 8.40
C LYS A 94 -8.72 -13.13 7.38
N PHE A 95 -8.20 -12.17 6.61
CA PHE A 95 -7.35 -12.47 5.46
C PHE A 95 -5.95 -11.88 5.58
N TYR A 96 -5.72 -10.99 6.54
CA TYR A 96 -4.46 -10.32 6.77
C TYR A 96 -4.19 -10.31 8.25
N HIS A 97 -2.91 -10.25 8.60
CA HIS A 97 -2.48 -10.04 9.97
C HIS A 97 -1.26 -9.14 9.92
N ARG A 98 -1.34 -7.97 10.55
CA ARG A 98 -0.24 -7.00 10.48
C ARG A 98 0.17 -6.66 9.05
N GLY A 99 -0.80 -6.63 8.14
CA GLY A 99 -0.49 -6.30 6.76
C GLY A 99 0.03 -7.43 5.91
N GLN A 100 0.28 -8.61 6.48
CA GLN A 100 0.72 -9.75 5.68
C GLN A 100 -0.51 -10.57 5.29
N ALA A 101 -0.60 -10.93 4.01
CA ALA A 101 -1.70 -11.75 3.55
C ALA A 101 -1.57 -13.18 4.08
N LEU A 102 -2.67 -13.71 4.61
CA LEU A 102 -2.69 -15.07 5.11
C LEU A 102 -2.93 -16.05 3.97
N PRO A 103 -2.38 -17.27 4.07
CA PRO A 103 -2.63 -18.26 3.03
C PRO A 103 -3.99 -18.93 3.15
N GLN A 104 -4.71 -18.70 4.24
CA GLN A 104 -6.06 -19.22 4.46
C GLN A 104 -6.89 -18.13 5.12
N MET A 105 -8.20 -18.25 5.00
CA MET A 105 -9.13 -17.38 5.72
C MET A 105 -9.24 -17.86 7.16
N LEU A 106 -8.88 -17.01 8.10
CA LEU A 106 -8.88 -17.38 9.51
C LEU A 106 -10.09 -16.80 10.22
N GLU A 107 -10.38 -17.33 11.41
CA GLU A 107 -11.55 -16.85 12.13
C GLU A 107 -11.32 -15.43 12.65
N VAL A 108 -12.38 -14.63 12.66
CA VAL A 108 -12.36 -13.27 13.16
C VAL A 108 -12.39 -13.29 14.69
N ASP A 109 -11.81 -12.25 15.30
CA ASP A 109 -11.98 -12.02 16.74
C ASP A 109 -13.31 -11.29 16.94
N TYR A 110 -14.36 -12.02 17.34
CA TYR A 110 -15.70 -11.44 17.35
C TYR A 110 -15.81 -10.30 18.36
N GLY A 111 -15.19 -10.45 19.53
CA GLY A 111 -15.34 -9.46 20.59
C GLY A 111 -14.45 -8.25 20.46
N LEU A 112 -13.50 -8.26 19.54
CA LEU A 112 -12.59 -7.13 19.38
C LEU A 112 -13.21 -6.11 18.44
N GLN A 113 -13.55 -4.93 18.98
CA GLN A 113 -14.10 -3.85 18.18
C GLN A 113 -15.35 -4.30 17.43
N THR A 114 -16.23 -4.99 18.16
CA THR A 114 -17.42 -5.58 17.53
C THR A 114 -18.21 -4.52 16.77
N HIS A 115 -18.32 -3.31 17.33
CA HIS A 115 -19.12 -2.32 16.64
C HIS A 115 -18.51 -1.91 15.28
N SER A 116 -17.18 -1.75 15.18
CA SER A 116 -16.60 -1.46 13.87
C SER A 116 -16.85 -2.56 12.86
N THR A 117 -16.92 -3.81 13.32
CA THR A 117 -17.17 -4.91 12.39
C THR A 117 -18.62 -4.92 11.94
N ILE A 118 -19.55 -4.63 12.86
CA ILE A 118 -20.96 -4.49 12.49
C ILE A 118 -21.12 -3.35 11.48
N LYS A 119 -20.34 -2.28 11.64
CA LYS A 119 -20.44 -1.18 10.67
C LYS A 119 -19.93 -1.60 9.30
N LYS A 120 -18.86 -2.40 9.23
CA LYS A 120 -18.41 -2.85 7.93
C LYS A 120 -19.42 -3.79 7.29
N VAL A 121 -20.10 -4.61 8.10
CA VAL A 121 -21.18 -5.45 7.60
C VAL A 121 -22.27 -4.59 6.96
N LYS A 122 -22.73 -3.56 7.66
CA LYS A 122 -23.77 -2.68 7.13
C LYS A 122 -23.33 -2.05 5.81
N ALA A 123 -22.10 -1.52 5.79
CA ALA A 123 -21.60 -0.83 4.62
C ALA A 123 -21.53 -1.75 3.41
N TRP A 124 -20.91 -2.92 3.57
CA TRP A 124 -20.79 -3.85 2.44
C TRP A 124 -22.17 -4.30 1.96
N SER A 125 -23.03 -4.74 2.88
CA SER A 125 -24.33 -5.25 2.48
C SER A 125 -25.21 -4.18 1.82
N SER A 126 -25.09 -2.92 2.26
CA SER A 126 -25.85 -1.85 1.64
C SER A 126 -25.43 -1.61 0.19
N LEU A 127 -24.25 -2.05 -0.21
CA LEU A 127 -23.81 -1.84 -1.58
C LEU A 127 -24.21 -2.96 -2.52
N LEU A 128 -24.73 -4.08 -1.99
CA LEU A 128 -25.09 -5.23 -2.80
C LEU A 128 -26.60 -5.26 -3.00
N ASP A 129 -27.02 -5.67 -4.19
CA ASP A 129 -28.43 -5.69 -4.56
C ASP A 129 -29.09 -6.91 -3.92
N GLY A 130 -29.62 -6.73 -2.71
CA GLY A 130 -30.29 -7.81 -2.03
C GLY A 130 -29.93 -7.90 -0.56
N LYS A 131 -30.59 -8.80 0.14
CA LYS A 131 -30.29 -9.10 1.55
C LYS A 131 -29.05 -10.00 1.63
N LEU A 132 -27.95 -9.49 2.19
CA LEU A 132 -26.72 -10.28 2.31
C LEU A 132 -26.86 -11.29 3.44
N LEU A 133 -26.58 -12.57 3.14
CA LEU A 133 -26.46 -13.62 4.16
C LEU A 133 -24.98 -13.87 4.48
N LEU A 134 -24.67 -14.01 5.77
CA LEU A 134 -23.32 -14.25 6.21
C LEU A 134 -23.22 -15.67 6.76
N GLU A 135 -22.14 -16.38 6.40
CA GLU A 135 -21.96 -17.77 6.77
C GLU A 135 -21.18 -17.92 8.08
N ASN A 136 -21.62 -18.84 8.93
CA ASN A 136 -20.88 -19.17 10.15
C ASN A 136 -19.57 -19.88 9.83
N TYR A 137 -18.53 -19.55 10.61
CA TYR A 137 -17.15 -20.02 10.50
C TYR A 137 -16.99 -21.33 11.25
N PRO A 138 -16.22 -22.28 10.69
CA PRO A 138 -15.92 -23.56 11.39
C PRO A 138 -14.80 -23.37 12.40
N SER A 139 -15.18 -22.76 13.54
CA SER A 139 -14.20 -22.40 14.58
C SER A 139 -13.22 -23.53 14.86
N ILE A 140 -11.95 -23.14 15.03
CA ILE A 140 -10.91 -24.05 15.46
C ILE A 140 -10.46 -23.74 16.89
N PHE A 141 -10.44 -22.46 17.28
CA PHE A 141 -10.04 -22.03 18.62
C PHE A 141 -11.13 -21.23 19.32
N PRO A 142 -11.28 -21.41 20.63
CA PRO A 142 -12.26 -20.61 21.38
C PRO A 142 -11.78 -19.18 21.57
N GLN A 143 -12.71 -18.31 21.95
CA GLN A 143 -12.42 -16.90 22.22
C GLN A 143 -13.49 -16.37 23.17
N ASP A 144 -13.40 -15.09 23.50
CA ASP A 144 -14.23 -14.55 24.56
C ASP A 144 -15.68 -14.42 24.12
N MET A 145 -15.90 -13.87 22.93
CA MET A 145 -17.25 -13.76 22.41
C MET A 145 -17.60 -15.00 21.61
N SER A 146 -18.80 -15.52 21.87
CA SER A 146 -19.36 -16.62 21.10
C SER A 146 -19.70 -16.15 19.69
N GLN A 147 -19.55 -17.06 18.72
CA GLN A 147 -19.98 -16.74 17.36
C GLN A 147 -21.48 -16.52 17.30
N ILE A 148 -22.22 -17.19 18.20
CA ILE A 148 -23.67 -17.02 18.28
C ILE A 148 -24.02 -15.60 18.67
N ASP A 149 -23.41 -15.10 19.74
CA ASP A 149 -23.69 -13.74 20.19
C ASP A 149 -23.31 -12.73 19.12
N PHE A 150 -22.22 -12.98 18.40
CA PHE A 150 -21.85 -12.12 17.27
C PHE A 150 -22.96 -12.07 16.23
N PHE A 151 -23.44 -13.24 15.78
CA PHE A 151 -24.49 -13.26 14.75
C PHE A 151 -25.81 -12.72 15.27
N LYS A 152 -26.09 -12.87 16.57
CA LYS A 152 -27.30 -12.27 17.13
C LYS A 152 -27.29 -10.77 16.90
N ARG A 153 -26.14 -10.13 17.12
CA ARG A 153 -26.03 -8.69 16.91
C ARG A 153 -26.14 -8.34 15.43
N ILE A 154 -25.53 -9.12 14.54
CA ILE A 154 -25.71 -8.90 13.10
C ILE A 154 -27.19 -8.91 12.74
N LEU A 155 -27.91 -9.95 13.19
CA LEU A 155 -29.31 -10.10 12.80
C LEU A 155 -30.20 -9.03 13.44
N GLU A 156 -29.79 -8.50 14.59
CA GLU A 156 -30.61 -7.51 15.27
C GLU A 156 -30.33 -6.09 14.80
N GLU A 157 -29.08 -5.78 14.43
CA GLU A 157 -28.69 -4.40 14.16
C GLU A 157 -28.51 -4.08 12.68
N THR A 158 -28.51 -5.08 11.80
CA THR A 158 -28.24 -4.86 10.39
C THR A 158 -29.39 -5.45 9.58
N TYR A 159 -29.30 -5.28 8.26
CA TYR A 159 -30.25 -5.87 7.33
C TYR A 159 -29.78 -7.21 6.80
N CYS A 160 -28.78 -7.82 7.43
CA CYS A 160 -28.24 -9.08 6.95
C CYS A 160 -28.94 -10.28 7.57
N GLY A 161 -28.74 -11.45 6.96
CA GLY A 161 -29.28 -12.69 7.48
C GLY A 161 -28.20 -13.74 7.68
N LEU A 162 -28.61 -14.97 7.95
CA LEU A 162 -27.68 -16.05 8.23
C LEU A 162 -27.76 -17.10 7.13
N LEU A 163 -26.60 -17.46 6.59
CA LEU A 163 -26.44 -18.68 5.79
C LEU A 163 -25.82 -19.72 6.72
N PHE A 164 -26.60 -20.72 7.13
CA PHE A 164 -26.16 -21.60 8.19
C PHE A 164 -25.50 -22.84 7.60
N ASP A 165 -24.23 -23.01 7.89
CA ASP A 165 -23.46 -24.16 7.43
C ASP A 165 -23.50 -25.21 8.54
N ILE A 166 -24.18 -26.32 8.27
CA ILE A 166 -24.44 -27.34 9.27
C ILE A 166 -23.16 -28.03 9.70
N SER A 167 -22.27 -28.34 8.75
CA SER A 167 -21.05 -29.04 9.14
C SER A 167 -20.03 -28.07 9.75
N ASN A 168 -20.01 -26.80 9.33
CA ASN A 168 -19.19 -25.81 10.03
C ASN A 168 -19.55 -25.74 11.51
N ALA A 169 -20.85 -25.73 11.82
CA ALA A 169 -21.27 -25.68 13.21
C ALA A 169 -20.92 -26.97 13.93
N PHE A 170 -21.00 -28.11 13.22
CA PHE A 170 -20.54 -29.37 13.80
C PHE A 170 -19.05 -29.33 14.07
N ILE A 171 -18.27 -28.78 13.14
CA ILE A 171 -16.81 -28.67 13.35
C ILE A 171 -16.51 -27.85 14.59
N ALA A 172 -17.22 -26.73 14.79
CA ALA A 172 -16.96 -25.88 15.95
C ALA A 172 -17.31 -26.60 17.24
N GLU A 173 -18.40 -27.36 17.25
CA GLU A 173 -18.75 -28.14 18.43
C GLU A 173 -17.62 -29.09 18.80
N VAL A 174 -17.08 -29.83 17.83
CA VAL A 174 -15.95 -30.71 18.11
C VAL A 174 -14.74 -29.90 18.56
N ASN A 175 -14.42 -28.81 17.85
CA ASN A 175 -13.13 -28.15 18.03
C ASN A 175 -13.08 -27.29 19.28
N ILE A 176 -14.15 -26.54 19.57
CA ILE A 176 -14.16 -25.59 20.68
C ILE A 176 -15.30 -25.84 21.66
N LYS A 177 -16.04 -26.95 21.51
CA LYS A 177 -17.11 -27.31 22.44
C LYS A 177 -18.25 -26.30 22.44
N GLN A 178 -18.41 -25.57 21.33
CA GLN A 178 -19.58 -24.74 21.13
C GLN A 178 -20.77 -25.63 20.87
N SER A 179 -21.65 -25.75 21.86
CA SER A 179 -22.87 -26.54 21.70
C SER A 179 -23.63 -26.11 20.45
N ARG A 180 -23.94 -27.07 19.58
CA ARG A 180 -24.77 -26.80 18.42
C ARG A 180 -26.10 -26.18 18.82
N THR A 181 -26.63 -26.58 19.99
CA THR A 181 -27.84 -26.07 20.60
C THR A 181 -27.99 -24.56 20.50
N SER A 182 -26.88 -23.85 20.72
CA SER A 182 -26.93 -22.39 20.77
C SER A 182 -27.38 -21.78 19.45
N TRP A 183 -27.18 -22.46 18.33
CA TRP A 183 -27.60 -21.90 17.04
C TRP A 183 -29.11 -22.00 16.81
N PHE A 184 -29.84 -22.80 17.57
CA PHE A 184 -31.21 -23.11 17.16
C PHE A 184 -32.15 -21.91 17.24
N ASP A 185 -31.86 -20.93 18.10
CA ASP A 185 -32.64 -19.69 18.07
C ASP A 185 -32.50 -18.98 16.74
N LEU A 186 -31.28 -18.93 16.21
CA LEU A 186 -31.06 -18.25 14.94
C LEU A 186 -31.49 -19.12 13.76
N ILE A 187 -31.25 -20.43 13.84
CA ILE A 187 -31.62 -21.36 12.77
C ILE A 187 -33.08 -21.17 12.37
N LYS A 188 -33.95 -20.91 13.34
CA LYS A 188 -35.39 -20.86 13.06
C LYS A 188 -35.77 -19.70 12.16
N HIS A 189 -34.88 -18.73 11.97
CA HIS A 189 -35.09 -17.65 11.03
C HIS A 189 -34.16 -17.77 9.82
N CYS A 190 -33.76 -18.99 9.50
CA CYS A 190 -32.86 -19.25 8.38
C CYS A 190 -33.49 -20.30 7.48
N GLN A 191 -33.42 -20.09 6.16
CA GLN A 191 -33.96 -21.05 5.21
C GLN A 191 -32.95 -21.53 4.18
N HIS A 192 -31.71 -21.05 4.21
CA HIS A 192 -30.68 -21.40 3.23
C HIS A 192 -29.48 -21.98 3.96
N PHE A 193 -29.01 -23.15 3.51
CA PHE A 193 -28.09 -23.95 4.30
C PHE A 193 -26.95 -24.49 3.44
N HIS A 194 -25.85 -24.86 4.11
CA HIS A 194 -24.72 -25.61 3.57
C HIS A 194 -24.52 -26.89 4.36
N ILE A 195 -23.95 -27.91 3.72
CA ILE A 195 -23.52 -29.11 4.42
C ILE A 195 -22.42 -29.76 3.62
N ALA A 196 -21.43 -30.32 4.30
CA ALA A 196 -20.25 -30.84 3.62
C ALA A 196 -19.51 -31.84 4.52
N GLY A 197 -18.43 -32.39 3.97
CA GLY A 197 -17.54 -33.24 4.72
C GLY A 197 -16.30 -32.48 5.18
N PHE A 198 -15.46 -33.19 5.92
CA PHE A 198 -14.29 -32.59 6.54
C PHE A 198 -13.25 -33.69 6.77
N GLU A 199 -12.09 -33.29 7.30
CA GLU A 199 -11.01 -34.22 7.60
C GLU A 199 -10.41 -33.85 8.94
N ASN A 200 -9.74 -34.83 9.54
CA ASN A 200 -8.95 -34.59 10.74
C ASN A 200 -7.64 -33.89 10.43
N ALA A 201 -7.27 -32.91 11.27
CA ALA A 201 -5.93 -32.35 11.25
C ALA A 201 -4.90 -33.42 11.66
N PRO A 202 -3.61 -33.20 11.35
CA PRO A 202 -2.57 -34.12 11.83
C PRO A 202 -2.71 -34.37 13.33
N ASP A 203 -2.55 -35.64 13.72
CA ASP A 203 -2.63 -36.05 15.12
C ASP A 203 -4.00 -35.73 15.71
N ASN A 204 -5.02 -35.76 14.86
CA ASN A 204 -6.42 -35.51 15.24
C ASN A 204 -6.59 -34.33 16.19
N GLN A 205 -5.88 -33.22 15.95
CA GLN A 205 -5.95 -32.10 16.89
C GLN A 205 -7.21 -31.25 16.71
N PHE A 206 -7.80 -31.24 15.52
CA PHE A 206 -9.05 -30.53 15.25
C PHE A 206 -9.57 -31.03 13.92
N LEU A 207 -10.81 -30.65 13.62
CA LEU A 207 -11.39 -30.97 12.33
C LEU A 207 -11.13 -29.81 11.39
N VAL A 208 -10.80 -30.13 10.15
CA VAL A 208 -10.49 -29.15 9.12
C VAL A 208 -11.65 -29.14 8.11
N ASP A 209 -12.11 -27.93 7.75
CA ASP A 209 -13.31 -27.76 6.93
C ASP A 209 -12.96 -27.84 5.43
N THR A 210 -12.62 -29.06 4.99
CA THR A 210 -12.00 -29.26 3.68
C THR A 210 -12.99 -29.38 2.53
N HIS A 211 -14.25 -29.73 2.81
CA HIS A 211 -15.22 -30.04 1.74
C HIS A 211 -14.65 -31.09 0.77
N SER A 212 -13.98 -32.10 1.32
CA SER A 212 -13.26 -33.08 0.51
C SER A 212 -13.70 -34.51 0.74
N GLN A 213 -14.63 -34.78 1.67
CA GLN A 213 -15.06 -36.13 2.00
C GLN A 213 -16.59 -36.16 2.05
N CYS A 214 -17.12 -37.38 2.20
CA CYS A 214 -18.56 -37.56 2.33
C CYS A 214 -19.02 -37.09 3.70
N ILE A 215 -20.30 -36.73 3.78
CA ILE A 215 -20.90 -36.25 5.02
C ILE A 215 -21.07 -37.44 5.97
N GLU A 216 -20.59 -37.27 7.20
CA GLU A 216 -20.61 -38.35 8.17
C GLU A 216 -21.94 -38.38 8.91
N GLU A 217 -22.25 -39.55 9.47
CA GLU A 217 -23.54 -39.77 10.11
C GLU A 217 -23.89 -38.73 11.18
N PRO A 218 -23.00 -38.35 12.11
CA PRO A 218 -23.38 -37.32 13.10
C PRO A 218 -23.79 -36.00 12.46
N VAL A 219 -23.22 -35.66 11.30
CA VAL A 219 -23.61 -34.41 10.65
C VAL A 219 -24.99 -34.54 10.03
N LEU A 220 -25.29 -35.70 9.44
CA LEU A 220 -26.63 -35.97 8.91
C LEU A 220 -27.68 -35.97 10.01
N SER A 221 -27.34 -36.48 11.18
CA SER A 221 -28.29 -36.46 12.27
C SER A 221 -28.49 -35.04 12.77
N PHE A 222 -27.43 -34.22 12.74
CA PHE A 222 -27.58 -32.78 12.96
C PHE A 222 -28.49 -32.15 11.90
N LEU A 223 -28.34 -32.56 10.63
CA LEU A 223 -29.21 -32.05 9.57
C LEU A 223 -30.68 -32.31 9.91
N GLN A 224 -31.00 -33.50 10.42
CA GLN A 224 -32.39 -33.80 10.71
C GLN A 224 -32.91 -32.94 11.85
N GLU A 225 -32.04 -32.66 12.84
CA GLU A 225 -32.43 -31.72 13.88
C GLU A 225 -32.75 -30.36 13.27
N VAL A 226 -31.95 -29.91 12.31
CA VAL A 226 -32.20 -28.61 11.66
C VAL A 226 -33.53 -28.64 10.92
N ASN A 227 -33.79 -29.75 10.20
CA ASN A 227 -35.04 -29.91 9.47
C ASN A 227 -36.25 -29.90 10.41
N ASN A 228 -36.09 -30.43 11.63
CA ASN A 228 -37.20 -30.41 12.58
C ASN A 228 -37.42 -29.01 13.12
N ALA A 229 -36.36 -28.20 13.15
CA ALA A 229 -36.42 -26.90 13.80
C ALA A 229 -36.86 -25.78 12.88
N THR A 230 -36.75 -25.94 11.56
CA THR A 230 -37.01 -24.81 10.68
C THR A 230 -37.36 -25.32 9.28
N SER A 231 -37.57 -24.36 8.38
CA SER A 231 -37.90 -24.62 6.98
C SER A 231 -36.63 -24.57 6.16
N ILE A 232 -36.25 -25.69 5.55
CA ILE A 232 -35.07 -25.71 4.71
C ILE A 232 -35.54 -25.40 3.28
N ALA A 233 -35.38 -24.16 2.85
CA ALA A 233 -35.68 -23.82 1.46
C ALA A 233 -34.64 -24.42 0.52
N THR A 234 -33.37 -24.21 0.81
CA THR A 234 -32.30 -24.70 -0.04
C THR A 234 -31.15 -25.20 0.82
N ILE A 235 -30.45 -26.21 0.33
CA ILE A 235 -29.22 -26.66 0.96
C ILE A 235 -28.22 -27.00 -0.13
N SER A 236 -27.03 -26.45 -0.01
CA SER A 236 -25.97 -26.72 -0.97
C SER A 236 -25.05 -27.76 -0.34
N VAL A 237 -24.84 -28.85 -1.06
CA VAL A 237 -23.96 -29.94 -0.65
C VAL A 237 -22.58 -29.64 -1.22
N GLU A 238 -21.65 -29.19 -0.38
CA GLU A 238 -20.42 -28.60 -0.88
C GLU A 238 -19.35 -29.63 -1.20
N ARG A 239 -18.57 -29.36 -2.25
CA ARG A 239 -17.37 -30.14 -2.53
C ARG A 239 -16.33 -29.28 -3.24
N ASP A 240 -15.09 -29.33 -2.75
CA ASP A 240 -14.01 -28.55 -3.33
C ASP A 240 -12.78 -29.38 -3.67
N GLU A 241 -12.71 -30.65 -3.27
CA GLU A 241 -11.65 -31.56 -3.64
C GLU A 241 -12.23 -32.96 -3.75
N ASN A 242 -11.45 -33.87 -4.33
CA ASN A 242 -11.86 -35.26 -4.52
C ASN A 242 -13.15 -35.33 -5.32
N PHE A 243 -13.07 -34.86 -6.56
CA PHE A 243 -14.27 -34.68 -7.39
C PHE A 243 -14.69 -36.02 -8.01
N ASP A 244 -14.98 -36.96 -7.10
CA ASP A 244 -15.54 -38.26 -7.44
C ASP A 244 -17.06 -38.12 -7.49
N VAL A 245 -17.65 -38.33 -8.68
CA VAL A 245 -19.09 -38.12 -8.87
C VAL A 245 -19.90 -39.03 -7.95
N SER A 246 -19.44 -40.26 -7.72
CA SER A 246 -20.17 -41.19 -6.85
C SER A 246 -20.22 -40.72 -5.41
N ASP A 247 -19.15 -40.12 -4.91
CA ASP A 247 -19.15 -39.62 -3.53
C ASP A 247 -20.04 -38.39 -3.37
N TRP A 248 -19.98 -37.46 -4.33
CA TRP A 248 -20.84 -36.29 -4.28
C TRP A 248 -22.31 -36.70 -4.41
N ALA A 249 -22.60 -37.59 -5.35
CA ALA A 249 -23.96 -38.12 -5.50
C ALA A 249 -24.43 -38.84 -4.24
N LEU A 250 -23.54 -39.63 -3.61
CA LEU A 250 -23.89 -40.26 -2.33
C LEU A 250 -24.27 -39.23 -1.28
N ASP A 251 -23.52 -38.13 -1.20
CA ASP A 251 -23.86 -37.05 -0.28
C ASP A 251 -25.23 -36.45 -0.60
N ILE A 252 -25.48 -36.18 -1.87
CA ILE A 252 -26.77 -35.60 -2.25
C ILE A 252 -27.90 -36.55 -1.89
N ASP A 253 -27.73 -37.84 -2.20
CA ASP A 253 -28.74 -38.85 -1.87
C ASP A 253 -29.01 -38.88 -0.36
N ASN A 254 -27.95 -38.92 0.44
CA ASN A 254 -28.09 -39.02 1.89
C ASN A 254 -28.78 -37.79 2.47
N VAL A 255 -28.50 -36.62 1.91
CA VAL A 255 -29.16 -35.42 2.40
C VAL A 255 -30.66 -35.49 2.11
N ARG A 256 -31.03 -35.88 0.90
CA ARG A 256 -32.45 -36.00 0.56
C ARG A 256 -33.13 -37.10 1.39
N ASN A 257 -32.49 -38.25 1.51
CA ASN A 257 -33.11 -39.33 2.28
C ASN A 257 -33.29 -38.95 3.74
N ARG A 258 -32.33 -38.23 4.32
CA ARG A 258 -32.40 -37.91 5.75
C ARG A 258 -33.61 -37.05 6.12
N VAL A 259 -34.09 -36.18 5.20
CA VAL A 259 -35.23 -35.33 5.51
C VAL A 259 -36.57 -35.88 4.98
N SER A 260 -36.57 -37.04 4.35
CA SER A 260 -37.82 -37.55 3.77
C SER A 260 -38.82 -38.01 4.83
N MET B 1 -1.16 32.11 -22.05
CA MET B 1 -0.80 31.15 -21.02
C MET B 1 0.71 30.96 -20.96
N ASN B 2 1.31 31.34 -19.83
CA ASN B 2 2.71 31.04 -19.56
C ASN B 2 2.86 29.63 -19.00
N VAL B 3 3.73 28.84 -19.61
CA VAL B 3 4.00 27.48 -19.17
C VAL B 3 5.37 27.45 -18.53
N GLY B 4 5.45 27.01 -17.29
CA GLY B 4 6.71 26.94 -16.58
C GLY B 4 7.01 25.60 -15.94
N ILE B 5 8.06 25.55 -15.10
CA ILE B 5 8.51 24.33 -14.43
C ILE B 5 8.88 24.67 -12.98
N ASN B 6 9.00 23.64 -12.14
CA ASN B 6 9.44 23.87 -10.76
C ASN B 6 10.92 23.58 -10.60
N TRP B 7 11.54 24.28 -9.63
CA TRP B 7 12.98 24.16 -9.35
C TRP B 7 13.20 24.13 -7.84
N SER B 8 13.62 22.99 -7.31
CA SER B 8 13.79 22.85 -5.87
C SER B 8 15.23 22.63 -5.42
N GLY B 9 16.17 22.38 -6.34
CA GLY B 9 17.53 22.07 -5.94
C GLY B 9 18.49 21.86 -7.10
N GLN B 10 19.54 21.07 -6.87
CA GLN B 10 20.63 20.91 -7.84
C GLN B 10 20.57 19.61 -8.62
N ARG B 11 19.88 18.59 -8.08
CA ARG B 11 19.72 17.32 -8.79
C ARG B 11 19.15 17.50 -10.20
N GLU B 12 18.17 18.40 -10.34
CA GLU B 12 17.49 18.60 -11.61
C GLU B 12 18.17 19.61 -12.53
N LEU B 13 19.21 20.28 -12.06
CA LEU B 13 19.79 21.38 -12.86
C LEU B 13 20.23 20.93 -14.25
N PRO B 14 20.97 19.83 -14.42
CA PRO B 14 21.28 19.39 -15.79
C PRO B 14 20.04 19.26 -16.65
N CYS B 15 18.95 18.69 -16.12
CA CYS B 15 17.77 18.51 -16.94
C CYS B 15 17.11 19.85 -17.24
N ILE B 16 17.05 20.75 -16.25
CA ILE B 16 16.47 22.07 -16.51
C ILE B 16 17.31 22.83 -17.54
N ASN B 17 18.63 22.76 -17.41
CA ASN B 17 19.48 23.42 -18.39
C ASN B 17 19.23 22.86 -19.79
N GLN B 18 18.99 21.55 -19.90
CA GLN B 18 18.65 20.99 -21.20
C GLN B 18 17.31 21.52 -21.68
N LEU B 19 16.33 21.64 -20.78
CA LEU B 19 15.05 22.22 -21.13
C LEU B 19 15.20 23.67 -21.59
N PHE B 20 16.01 24.46 -20.88
CA PHE B 20 16.21 25.85 -21.28
C PHE B 20 16.70 25.96 -22.72
N LEU B 21 17.41 24.94 -23.17
CA LEU B 21 18.08 24.95 -24.46
C LEU B 21 17.24 24.34 -25.57
N THR B 22 16.14 23.63 -25.24
CA THR B 22 15.35 22.95 -26.25
C THR B 22 13.87 23.33 -26.28
N ARG B 23 13.40 24.13 -25.32
CA ARG B 23 11.99 24.52 -25.27
C ARG B 23 11.86 25.91 -24.71
N ASP B 24 10.68 26.51 -24.91
CA ASP B 24 10.33 27.79 -24.29
C ASP B 24 9.83 27.51 -22.89
N ILE B 25 10.59 27.96 -21.89
CA ILE B 25 10.22 27.89 -20.48
C ILE B 25 9.88 29.32 -20.06
N ASP B 26 8.59 29.60 -19.86
CA ASP B 26 8.16 30.98 -19.62
C ASP B 26 8.46 31.47 -18.21
N PHE B 27 8.51 30.57 -17.24
CA PHE B 27 8.81 31.00 -15.89
C PHE B 27 9.28 29.78 -15.13
N VAL B 28 9.88 30.04 -13.98
CA VAL B 28 10.33 28.95 -13.12
C VAL B 28 9.76 29.19 -11.73
N GLU B 29 9.09 28.18 -11.19
CA GLU B 29 8.55 28.26 -9.84
C GLU B 29 9.61 27.70 -8.89
N LEU B 30 10.28 28.58 -8.15
CA LEU B 30 11.26 28.12 -7.16
C LEU B 30 10.54 27.62 -5.92
N LEU B 31 10.99 26.48 -5.41
CA LEU B 31 10.64 26.05 -4.06
C LEU B 31 11.51 26.88 -3.14
N ILE B 32 11.04 28.09 -2.83
CA ILE B 32 11.91 29.18 -2.38
C ILE B 32 12.59 28.86 -1.05
N ASP B 33 11.95 28.04 -0.19
CA ASP B 33 12.55 27.74 1.11
C ASP B 33 13.70 26.73 1.02
N ASN B 34 14.10 26.34 -0.18
CA ASN B 34 15.31 25.60 -0.43
C ASN B 34 16.47 26.52 -0.84
N PHE B 35 16.22 27.82 -0.89
CA PHE B 35 17.19 28.78 -1.43
C PHE B 35 17.43 29.93 -0.46
N LEU B 36 17.14 29.74 0.83
CA LEU B 36 17.08 30.85 1.78
C LEU B 36 18.46 31.44 2.09
N THR B 37 19.55 30.69 1.88
CA THR B 37 20.90 31.25 1.99
C THR B 37 21.60 31.35 0.64
N THR B 38 20.85 31.39 -0.46
CA THR B 38 21.44 31.38 -1.79
C THR B 38 21.72 32.80 -2.28
N ASP B 39 22.92 32.99 -2.85
CA ASP B 39 23.26 34.27 -3.47
C ASP B 39 22.24 34.60 -4.56
N VAL B 40 21.53 35.72 -4.39
CA VAL B 40 20.43 36.05 -5.29
C VAL B 40 20.91 36.33 -6.71
N ASP B 41 22.09 36.94 -6.86
CA ASP B 41 22.62 37.15 -8.21
C ASP B 41 22.83 35.83 -8.93
N SER B 42 23.30 34.81 -8.20
CA SER B 42 23.43 33.47 -8.79
C SER B 42 22.08 32.94 -9.28
N ILE B 43 20.99 33.23 -8.56
CA ILE B 43 19.68 32.77 -9.03
C ILE B 43 19.28 33.53 -10.29
N LYS B 44 19.44 34.86 -10.28
CA LYS B 44 19.06 35.65 -11.46
C LYS B 44 19.87 35.23 -12.69
N ALA B 45 21.17 34.99 -12.49
CA ALA B 45 22.00 34.50 -13.58
C ALA B 45 21.46 33.19 -14.13
N PHE B 46 21.07 32.26 -13.27
CA PHE B 46 20.55 31.01 -13.78
C PHE B 46 19.22 31.22 -14.51
N LEU B 47 18.34 32.07 -13.96
CA LEU B 47 17.07 32.31 -14.64
C LEU B 47 17.28 33.00 -15.99
N ALA B 48 18.34 33.79 -16.12
CA ALA B 48 18.70 34.45 -17.37
C ALA B 48 17.51 35.22 -17.95
N GLY B 49 16.82 35.98 -17.09
CA GLY B 49 15.73 36.82 -17.51
C GLY B 49 14.33 36.24 -17.41
N ARG B 50 14.20 34.93 -17.24
CA ARG B 50 12.86 34.38 -17.11
C ARG B 50 12.24 34.85 -15.80
N PRO B 51 10.98 35.21 -15.78
CA PRO B 51 10.33 35.52 -14.50
C PRO B 51 10.27 34.27 -13.63
N CYS B 52 10.05 34.47 -12.35
CA CYS B 52 9.93 33.37 -11.41
C CYS B 52 8.63 33.52 -10.62
N ALA B 53 8.28 32.46 -9.92
CA ALA B 53 7.24 32.45 -8.90
C ALA B 53 7.80 31.71 -7.69
N PHE B 54 7.17 31.89 -6.54
CA PHE B 54 7.63 31.24 -5.32
C PHE B 54 6.60 30.21 -4.85
N HIS B 55 7.09 29.06 -4.42
CA HIS B 55 6.32 28.00 -3.81
C HIS B 55 7.03 27.61 -2.52
N ILE B 56 6.31 27.59 -1.39
CA ILE B 56 6.91 27.32 -0.08
C ILE B 56 6.49 25.93 0.39
N MET B 57 7.46 25.04 0.55
CA MET B 57 7.20 23.67 0.93
C MET B 57 7.14 23.49 2.45
N ASN B 58 8.11 24.00 3.18
CA ASN B 58 8.31 23.63 4.56
C ASN B 58 8.33 24.82 5.49
N SER B 59 7.45 25.80 5.29
CA SER B 59 7.22 26.73 6.39
C SER B 59 6.61 25.99 7.58
N GLN B 60 5.79 24.96 7.32
CA GLN B 60 5.08 24.24 8.36
C GLN B 60 4.35 25.22 9.27
N PHE B 61 3.75 26.24 8.66
CA PHE B 61 3.29 27.40 9.42
C PHE B 61 2.15 27.06 10.33
N LEU B 62 1.44 25.96 10.09
CA LEU B 62 0.41 25.57 11.03
C LEU B 62 1.02 25.07 12.35
N HIS B 63 2.32 24.75 12.37
CA HIS B 63 2.98 24.28 13.58
C HIS B 63 3.86 25.31 14.24
N LYS B 64 4.00 26.52 13.69
CA LYS B 64 5.02 27.43 14.17
C LYS B 64 4.38 28.48 15.07
N ASP B 65 5.16 28.95 16.05
CA ASP B 65 4.70 30.11 16.78
C ASP B 65 5.11 31.39 16.03
N GLU B 66 4.62 32.51 16.55
CA GLU B 66 4.91 33.83 15.99
C GLU B 66 6.37 34.16 15.74
N ARG B 67 7.25 33.86 16.68
CA ARG B 67 8.65 34.23 16.44
C ARG B 67 9.28 33.39 15.34
N GLU B 68 8.90 32.11 15.25
CA GLU B 68 9.41 31.29 14.15
C GLU B 68 8.88 31.82 12.82
N LEU B 69 7.63 32.31 12.80
CA LEU B 69 7.11 32.81 11.53
C LEU B 69 7.71 34.17 11.20
N LEU B 70 7.99 35.00 12.21
CA LEU B 70 8.61 36.29 11.94
C LEU B 70 9.98 36.10 11.28
N ALA B 71 10.75 35.14 11.79
CA ALA B 71 12.09 34.94 11.26
C ALA B 71 12.04 34.44 9.81
N MET B 72 11.12 33.53 9.49
CA MET B 72 11.04 33.00 8.11
C MET B 72 10.50 34.04 7.15
N ALA B 73 9.49 34.82 7.57
CA ALA B 73 8.93 35.86 6.72
C ALA B 73 9.97 36.90 6.31
N LYS B 74 10.86 37.27 7.21
CA LYS B 74 11.92 38.27 6.91
C LYS B 74 12.79 37.80 5.73
N ILE B 75 13.23 36.55 5.75
CA ILE B 75 14.09 36.05 4.66
C ILE B 75 13.31 35.97 3.36
N ILE B 76 12.12 35.37 3.41
CA ILE B 76 11.31 35.21 2.22
C ILE B 76 10.97 36.57 1.61
N ASN B 77 10.63 37.56 2.46
CA ASN B 77 10.25 38.87 1.93
C ASN B 77 11.44 39.58 1.26
N LYS B 78 12.65 39.43 1.80
CA LYS B 78 13.80 39.97 1.09
C LYS B 78 13.93 39.30 -0.29
N LEU B 79 13.66 38.00 -0.36
CA LEU B 79 13.72 37.33 -1.66
C LEU B 79 12.57 37.76 -2.57
N ILE B 80 11.41 38.00 -1.98
CA ILE B 80 10.29 38.53 -2.77
C ILE B 80 10.68 39.86 -3.39
N HIS B 81 11.29 40.73 -2.59
CA HIS B 81 11.64 42.06 -3.09
C HIS B 81 12.67 41.98 -4.21
N SER B 82 13.69 41.12 -4.05
CA SER B 82 14.76 41.04 -5.06
C SER B 82 14.31 40.32 -6.33
N LEU B 83 13.53 39.27 -6.21
CA LEU B 83 13.21 38.44 -7.37
C LEU B 83 11.87 38.77 -8.00
N GLN B 84 11.02 39.51 -7.28
CA GLN B 84 9.69 39.88 -7.75
C GLN B 84 8.92 38.72 -8.39
N PRO B 85 8.59 37.69 -7.61
CA PRO B 85 7.84 36.56 -8.16
C PRO B 85 6.45 36.98 -8.61
N ILE B 86 5.95 36.29 -9.65
CA ILE B 86 4.61 36.51 -10.18
C ILE B 86 3.55 36.22 -9.13
N TYR B 87 3.79 35.19 -8.33
CA TYR B 87 2.92 34.85 -7.22
C TYR B 87 3.76 34.19 -6.13
N ILE B 88 3.18 34.07 -4.95
CA ILE B 88 3.78 33.33 -3.85
C ILE B 88 2.75 32.34 -3.33
N SER B 89 3.22 31.22 -2.78
CA SER B 89 2.29 30.13 -2.50
C SER B 89 2.85 29.21 -1.40
N ASP B 90 1.95 28.54 -0.70
CA ASP B 90 2.32 27.60 0.34
C ASP B 90 1.32 26.46 0.32
N HIS B 91 1.48 25.53 1.25
CA HIS B 91 0.63 24.33 1.32
C HIS B 91 -0.17 24.35 2.60
N ILE B 92 -1.24 23.57 2.60
CA ILE B 92 -1.98 23.21 3.80
C ILE B 92 -1.54 21.79 4.16
N GLY B 93 -0.66 21.67 5.14
CA GLY B 93 -0.02 20.40 5.40
C GLY B 93 0.25 20.18 6.86
N LYS B 94 0.37 18.91 7.23
CA LYS B 94 0.67 18.48 8.58
C LYS B 94 2.04 17.78 8.56
N PHE B 95 2.90 18.20 9.48
CA PHE B 95 4.29 17.77 9.49
C PHE B 95 4.71 17.12 10.80
N TYR B 96 3.87 17.19 11.84
CA TYR B 96 4.18 16.67 13.16
C TYR B 96 2.96 15.95 13.69
N HIS B 97 3.18 14.97 14.56
CA HIS B 97 2.10 14.30 15.30
C HIS B 97 2.62 13.93 16.68
N ARG B 98 1.99 14.46 17.72
CA ARG B 98 2.41 14.24 19.11
C ARG B 98 3.88 14.57 19.33
N GLY B 99 4.36 15.62 18.64
CA GLY B 99 5.74 16.07 18.79
C GLY B 99 6.76 15.33 17.95
N GLN B 100 6.38 14.26 17.26
CA GLN B 100 7.31 13.54 16.41
C GLN B 100 7.23 14.11 15.00
N ALA B 101 8.37 14.41 14.40
CA ALA B 101 8.40 14.89 13.02
C ALA B 101 8.02 13.77 12.05
N LEU B 102 7.08 14.05 11.13
CA LEU B 102 6.64 13.07 10.15
C LEU B 102 7.59 13.04 8.95
N PRO B 103 7.78 11.87 8.33
CA PRO B 103 8.68 11.79 7.16
C PRO B 103 8.08 12.31 5.86
N GLN B 104 6.77 12.56 5.82
CA GLN B 104 6.07 13.11 4.66
C GLN B 104 5.10 14.15 5.18
N MET B 105 4.70 15.07 4.29
CA MET B 105 3.66 16.05 4.59
C MET B 105 2.30 15.38 4.43
N LEU B 106 1.52 15.36 5.50
CA LEU B 106 0.25 14.67 5.48
C LEU B 106 -0.91 15.66 5.35
N GLU B 107 -2.07 15.13 4.99
CA GLU B 107 -3.24 16.01 4.85
C GLU B 107 -3.71 16.46 6.22
N VAL B 108 -4.19 17.68 6.26
CA VAL B 108 -4.79 18.24 7.45
C VAL B 108 -6.21 17.73 7.62
N ASP B 109 -6.66 17.66 8.88
CA ASP B 109 -8.08 17.45 9.19
C ASP B 109 -8.77 18.81 9.11
N TYR B 110 -9.47 19.05 7.99
CA TYR B 110 -10.04 20.38 7.74
C TYR B 110 -11.11 20.77 8.75
N GLY B 111 -11.94 19.80 9.17
CA GLY B 111 -13.05 20.06 10.07
C GLY B 111 -12.70 20.12 11.55
N LEU B 112 -11.46 19.77 11.91
CA LEU B 112 -11.01 19.82 13.30
C LEU B 112 -10.45 21.21 13.58
N GLN B 113 -11.12 21.97 14.45
CA GLN B 113 -10.66 23.29 14.88
C GLN B 113 -10.38 24.18 13.67
N THR B 114 -11.34 24.18 12.75
CA THR B 114 -11.19 24.89 11.49
C THR B 114 -10.88 26.38 11.70
N HIS B 115 -11.55 27.01 12.67
CA HIS B 115 -11.33 28.44 12.90
C HIS B 115 -9.89 28.75 13.29
N SER B 116 -9.32 27.92 14.16
CA SER B 116 -7.92 28.12 14.54
C SER B 116 -6.98 27.93 13.35
N THR B 117 -7.34 27.07 12.37
CA THR B 117 -6.47 26.91 11.20
C THR B 117 -6.59 28.13 10.29
N ILE B 118 -7.80 28.65 10.12
CA ILE B 118 -7.98 29.89 9.37
C ILE B 118 -7.24 31.04 10.04
N LYS B 119 -7.23 31.06 11.38
CA LYS B 119 -6.51 32.14 12.06
C LYS B 119 -5.01 32.05 11.81
N LYS B 120 -4.45 30.83 11.78
CA LYS B 120 -3.02 30.68 11.49
C LYS B 120 -2.72 31.06 10.04
N VAL B 121 -3.64 30.76 9.12
CA VAL B 121 -3.50 31.21 7.74
C VAL B 121 -3.41 32.73 7.67
N LYS B 122 -4.34 33.41 8.36
CA LYS B 122 -4.34 34.88 8.38
C LYS B 122 -3.02 35.42 8.92
N ALA B 123 -2.54 34.84 10.02
CA ALA B 123 -1.28 35.30 10.61
C ALA B 123 -0.10 35.11 9.65
N TRP B 124 0.07 33.91 9.09
CA TRP B 124 1.21 33.66 8.20
C TRP B 124 1.15 34.53 6.95
N SER B 125 0.01 34.54 6.24
CA SER B 125 -0.06 35.30 5.00
C SER B 125 0.08 36.80 5.25
N SER B 126 -0.40 37.28 6.41
CA SER B 126 -0.23 38.69 6.73
C SER B 126 1.22 39.08 6.92
N LEU B 127 2.11 38.12 7.14
CA LEU B 127 3.52 38.44 7.31
C LEU B 127 4.32 38.38 6.02
N LEU B 128 3.74 37.89 4.93
CA LEU B 128 4.43 37.74 3.66
C LEU B 128 4.04 38.86 2.71
N ASP B 129 5.02 39.33 1.92
CA ASP B 129 4.81 40.45 1.01
C ASP B 129 4.08 39.94 -0.22
N GLY B 130 2.75 39.98 -0.18
CA GLY B 130 1.95 39.60 -1.32
C GLY B 130 0.76 38.75 -0.93
N LYS B 131 -0.09 38.46 -1.91
CA LYS B 131 -1.23 37.58 -1.69
C LYS B 131 -0.76 36.12 -1.63
N LEU B 132 -0.93 35.47 -0.49
CA LEU B 132 -0.53 34.08 -0.38
C LEU B 132 -1.57 33.19 -1.07
N LEU B 133 -1.11 32.35 -1.99
CA LEU B 133 -1.93 31.30 -2.59
C LEU B 133 -1.65 29.98 -1.88
N LEU B 134 -2.69 29.22 -1.62
CA LEU B 134 -2.55 27.93 -0.96
C LEU B 134 -2.94 26.83 -1.94
N GLU B 135 -2.15 25.77 -1.97
CA GLU B 135 -2.33 24.68 -2.93
C GLU B 135 -3.24 23.60 -2.36
N ASN B 136 -4.14 23.07 -3.19
CA ASN B 136 -4.95 21.93 -2.80
C ASN B 136 -4.11 20.67 -2.65
N TYR B 137 -4.43 19.84 -1.66
CA TYR B 137 -3.71 18.62 -1.29
C TYR B 137 -4.21 17.42 -2.11
N PRO B 138 -3.32 16.47 -2.53
CA PRO B 138 -3.77 15.24 -3.24
C PRO B 138 -4.30 14.18 -2.26
N SER B 139 -5.51 14.43 -1.76
CA SER B 139 -6.13 13.60 -0.72
C SER B 139 -6.04 12.11 -1.00
N ILE B 140 -5.76 11.36 0.07
CA ILE B 140 -5.73 9.91 0.02
C ILE B 140 -6.90 9.31 0.77
N PHE B 141 -7.32 9.94 1.87
CA PHE B 141 -8.42 9.40 2.68
C PHE B 141 -9.54 10.43 2.77
N PRO B 142 -10.80 10.00 2.77
CA PRO B 142 -11.89 10.95 2.95
C PRO B 142 -11.97 11.40 4.41
N GLN B 143 -12.71 12.48 4.63
CA GLN B 143 -12.94 12.99 5.98
C GLN B 143 -14.25 13.78 5.99
N ASP B 144 -14.63 14.28 7.17
CA ASP B 144 -15.98 14.82 7.29
C ASP B 144 -16.13 16.16 6.58
N MET B 145 -15.16 17.06 6.71
CA MET B 145 -15.18 18.32 5.94
C MET B 145 -14.51 18.11 4.59
N SER B 146 -15.15 18.59 3.54
CA SER B 146 -14.58 18.61 2.20
C SER B 146 -13.42 19.62 2.08
N GLN B 147 -12.42 19.29 1.25
CA GLN B 147 -11.35 20.27 1.00
C GLN B 147 -11.87 21.48 0.24
N ILE B 148 -12.89 21.29 -0.60
CA ILE B 148 -13.48 22.42 -1.31
C ILE B 148 -14.16 23.35 -0.31
N ASP B 149 -14.93 22.80 0.63
CA ASP B 149 -15.54 23.61 1.67
C ASP B 149 -14.47 24.28 2.54
N PHE B 150 -13.37 23.58 2.81
CA PHE B 150 -12.29 24.22 3.54
C PHE B 150 -11.78 25.45 2.79
N PHE B 151 -11.46 25.29 1.50
CA PHE B 151 -10.92 26.41 0.75
C PHE B 151 -11.95 27.52 0.54
N LYS B 152 -13.23 27.17 0.47
CA LYS B 152 -14.24 28.22 0.36
C LYS B 152 -14.19 29.16 1.56
N ARG B 153 -14.00 28.61 2.75
CA ARG B 153 -13.87 29.47 3.93
C ARG B 153 -12.57 30.27 3.87
N ILE B 154 -11.48 29.65 3.42
CA ILE B 154 -10.23 30.40 3.25
C ILE B 154 -10.49 31.65 2.42
N LEU B 155 -11.14 31.48 1.27
CA LEU B 155 -11.29 32.59 0.32
C LEU B 155 -12.29 33.64 0.81
N GLU B 156 -13.24 33.24 1.67
CA GLU B 156 -14.23 34.20 2.18
C GLU B 156 -13.70 34.95 3.38
N GLU B 157 -12.90 34.30 4.22
CA GLU B 157 -12.50 34.88 5.50
C GLU B 157 -11.09 35.44 5.53
N THR B 158 -10.25 35.19 4.51
CA THR B 158 -8.87 35.65 4.55
C THR B 158 -8.52 36.37 3.26
N TYR B 159 -7.29 36.88 3.21
CA TYR B 159 -6.76 37.50 2.01
C TYR B 159 -6.00 36.51 1.13
N CYS B 160 -6.14 35.21 1.36
CA CYS B 160 -5.42 34.23 0.59
C CYS B 160 -6.21 33.82 -0.64
N GLY B 161 -5.50 33.22 -1.59
CA GLY B 161 -6.14 32.70 -2.78
C GLY B 161 -5.82 31.23 -3.02
N LEU B 162 -6.18 30.74 -4.19
CA LEU B 162 -6.03 29.33 -4.53
C LEU B 162 -4.98 29.16 -5.62
N LEU B 163 -3.99 28.31 -5.38
CA LEU B 163 -3.12 27.77 -6.43
C LEU B 163 -3.66 26.38 -6.73
N PHE B 164 -4.25 26.19 -7.90
CA PHE B 164 -5.01 24.97 -8.13
C PHE B 164 -4.12 23.94 -8.81
N ASP B 165 -3.91 22.80 -8.14
CA ASP B 165 -3.13 21.72 -8.71
C ASP B 165 -4.09 20.72 -9.37
N ILE B 166 -4.05 20.67 -10.70
CA ILE B 166 -5.01 19.90 -11.47
C ILE B 166 -4.82 18.40 -11.22
N SER B 167 -3.57 17.94 -11.16
CA SER B 167 -3.40 16.51 -10.96
C SER B 167 -3.60 16.11 -9.49
N ASN B 168 -3.28 17.00 -8.54
CA ASN B 168 -3.66 16.74 -7.15
C ASN B 168 -5.16 16.51 -7.01
N ALA B 169 -5.95 17.34 -7.69
CA ALA B 169 -7.40 17.19 -7.62
C ALA B 169 -7.87 15.92 -8.34
N PHE B 170 -7.21 15.57 -9.45
CA PHE B 170 -7.51 14.29 -10.09
C PHE B 170 -7.21 13.14 -9.16
N ILE B 171 -6.06 13.21 -8.48
CA ILE B 171 -5.65 12.18 -7.52
C ILE B 171 -6.69 12.04 -6.42
N ALA B 172 -7.19 13.17 -5.90
CA ALA B 172 -8.18 13.11 -4.84
C ALA B 172 -9.46 12.46 -5.33
N GLU B 173 -9.87 12.77 -6.57
CA GLU B 173 -11.06 12.15 -7.15
C GLU B 173 -10.94 10.63 -7.18
N VAL B 174 -9.80 10.13 -7.68
CA VAL B 174 -9.56 8.68 -7.67
C VAL B 174 -9.55 8.15 -6.24
N ASN B 175 -8.85 8.83 -5.34
CA ASN B 175 -8.54 8.25 -4.03
C ASN B 175 -9.73 8.28 -3.07
N ILE B 176 -10.47 9.40 -3.01
CA ILE B 176 -11.54 9.57 -2.04
C ILE B 176 -12.88 9.85 -2.70
N LYS B 177 -12.96 9.75 -4.03
CA LYS B 177 -14.21 9.97 -4.77
C LYS B 177 -14.72 11.41 -4.64
N GLN B 178 -13.83 12.36 -4.37
CA GLN B 178 -14.21 13.77 -4.45
C GLN B 178 -14.36 14.16 -5.91
N SER B 179 -15.59 14.36 -6.37
CA SER B 179 -15.80 14.83 -7.73
C SER B 179 -15.04 16.12 -7.99
N ARG B 180 -14.25 16.13 -9.08
CA ARG B 180 -13.59 17.36 -9.51
C ARG B 180 -14.59 18.51 -9.68
N THR B 181 -15.82 18.20 -10.12
CA THR B 181 -16.92 19.14 -10.27
C THR B 181 -16.94 20.19 -9.17
N SER B 182 -16.77 19.76 -7.93
CA SER B 182 -16.91 20.65 -6.79
C SER B 182 -15.91 21.79 -6.82
N TRP B 183 -14.77 21.64 -7.50
CA TRP B 183 -13.77 22.70 -7.52
C TRP B 183 -14.10 23.82 -8.50
N PHE B 184 -15.00 23.61 -9.46
CA PHE B 184 -15.07 24.55 -10.58
C PHE B 184 -15.54 25.94 -10.17
N ASP B 185 -16.33 26.03 -9.09
CA ASP B 185 -16.70 27.34 -8.57
C ASP B 185 -15.46 28.13 -8.12
N LEU B 186 -14.50 27.45 -7.50
CA LEU B 186 -13.27 28.11 -7.08
C LEU B 186 -12.30 28.26 -8.23
N ILE B 187 -12.23 27.25 -9.11
CA ILE B 187 -11.36 27.31 -10.28
C ILE B 187 -11.58 28.61 -11.06
N LYS B 188 -12.83 29.09 -11.14
CA LYS B 188 -13.14 30.25 -11.98
C LYS B 188 -12.53 31.54 -11.46
N HIS B 189 -12.04 31.58 -10.23
CA HIS B 189 -11.35 32.74 -9.71
C HIS B 189 -9.87 32.46 -9.45
N CYS B 190 -9.32 31.51 -10.19
CA CYS B 190 -7.93 31.11 -10.07
C CYS B 190 -7.26 31.27 -11.43
N GLN B 191 -6.03 31.77 -11.44
CA GLN B 191 -5.31 31.92 -12.71
C GLN B 191 -3.95 31.23 -12.71
N HIS B 192 -3.53 30.65 -11.59
CA HIS B 192 -2.21 30.05 -11.44
C HIS B 192 -2.36 28.57 -11.11
N PHE B 193 -1.72 27.70 -11.89
CA PHE B 193 -2.03 26.28 -11.82
C PHE B 193 -0.76 25.42 -11.80
N HIS B 194 -0.95 24.18 -11.32
CA HIS B 194 0.02 23.11 -11.39
C HIS B 194 -0.58 21.93 -12.15
N ILE B 195 0.29 21.14 -12.78
CA ILE B 195 -0.08 19.87 -13.39
C ILE B 195 1.15 18.98 -13.41
N ALA B 196 0.96 17.68 -13.16
CA ALA B 196 2.10 16.78 -13.00
C ALA B 196 1.65 15.32 -13.18
N GLY B 197 2.61 14.40 -13.12
CA GLY B 197 2.33 12.98 -13.15
C GLY B 197 2.33 12.38 -11.74
N PHE B 198 1.98 11.10 -11.68
CA PHE B 198 1.84 10.41 -10.41
C PHE B 198 2.09 8.91 -10.64
N GLU B 199 2.01 8.14 -9.56
CA GLU B 199 2.24 6.69 -9.61
C GLU B 199 1.22 5.97 -8.74
N ASN B 200 1.09 4.67 -9.00
CA ASN B 200 0.30 3.80 -8.13
C ASN B 200 1.04 3.52 -6.83
N ALA B 201 0.31 3.59 -5.72
CA ALA B 201 0.80 3.05 -4.47
C ALA B 201 1.01 1.54 -4.60
N PRO B 202 1.77 0.91 -3.70
CA PRO B 202 1.87 -0.56 -3.70
C PRO B 202 0.50 -1.22 -3.78
N ASP B 203 0.38 -2.23 -4.63
CA ASP B 203 -0.86 -2.98 -4.83
C ASP B 203 -2.00 -2.06 -5.26
N ASN B 204 -1.67 -0.98 -5.99
CA ASN B 204 -2.65 -0.03 -6.52
C ASN B 204 -3.71 0.39 -5.50
N GLN B 205 -3.30 0.64 -4.25
CA GLN B 205 -4.27 1.03 -3.24
C GLN B 205 -4.70 2.48 -3.34
N PHE B 206 -3.89 3.36 -3.92
CA PHE B 206 -4.24 4.76 -4.13
C PHE B 206 -3.21 5.34 -5.07
N LEU B 207 -3.45 6.57 -5.54
CA LEU B 207 -2.47 7.26 -6.35
C LEU B 207 -1.59 8.12 -5.46
N VAL B 208 -0.28 8.10 -5.72
CA VAL B 208 0.72 8.85 -4.98
C VAL B 208 1.18 9.99 -5.87
N ASP B 209 1.26 11.18 -5.29
CA ASP B 209 1.55 12.42 -6.01
C ASP B 209 3.07 12.59 -6.13
N THR B 210 3.68 11.75 -6.99
CA THR B 210 5.14 11.67 -7.04
C THR B 210 5.78 12.74 -7.93
N HIS B 211 5.05 13.36 -8.87
CA HIS B 211 5.65 14.25 -9.86
C HIS B 211 6.81 13.55 -10.59
N SER B 212 6.62 12.28 -10.91
CA SER B 212 7.69 11.43 -11.41
C SER B 212 7.41 10.81 -12.78
N GLN B 213 6.23 11.01 -13.35
CA GLN B 213 5.86 10.40 -14.64
C GLN B 213 5.25 11.47 -15.53
N CYS B 214 5.00 11.11 -16.79
CA CYS B 214 4.35 12.04 -17.70
C CYS B 214 2.88 12.20 -17.32
N ILE B 215 2.31 13.32 -17.72
CA ILE B 215 0.91 13.61 -17.43
C ILE B 215 0.03 12.67 -18.26
N GLU B 216 -0.94 12.04 -17.60
CA GLU B 216 -1.77 11.07 -18.30
C GLU B 216 -2.95 11.75 -19.01
N GLU B 217 -3.46 11.05 -20.02
CA GLU B 217 -4.54 11.58 -20.86
C GLU B 217 -5.76 12.06 -20.08
N PRO B 218 -6.29 11.31 -19.10
CA PRO B 218 -7.43 11.87 -18.32
C PRO B 218 -7.08 13.16 -17.59
N VAL B 219 -5.82 13.37 -17.22
CA VAL B 219 -5.47 14.61 -16.56
C VAL B 219 -5.39 15.76 -17.57
N LEU B 220 -4.82 15.51 -18.75
CA LEU B 220 -4.84 16.54 -19.80
C LEU B 220 -6.27 16.92 -20.18
N SER B 221 -7.19 15.94 -20.17
CA SER B 221 -8.58 16.25 -20.49
C SER B 221 -9.22 17.08 -19.38
N PHE B 222 -8.83 16.85 -18.13
CA PHE B 222 -9.17 17.74 -17.02
C PHE B 222 -8.58 19.13 -17.24
N LEU B 223 -7.34 19.20 -17.74
CA LEU B 223 -6.74 20.49 -18.06
C LEU B 223 -7.60 21.28 -19.04
N GLN B 224 -8.15 20.61 -20.05
CA GLN B 224 -8.95 21.30 -21.04
C GLN B 224 -10.26 21.79 -20.44
N GLU B 225 -10.84 21.02 -19.52
CA GLU B 225 -11.99 21.51 -18.77
C GLU B 225 -11.64 22.78 -18.00
N VAL B 226 -10.48 22.80 -17.35
CA VAL B 226 -10.09 23.99 -16.60
C VAL B 226 -9.91 25.16 -17.55
N ASN B 227 -9.24 24.92 -18.68
CA ASN B 227 -9.02 25.97 -19.66
C ASN B 227 -10.34 26.56 -20.15
N ASN B 228 -11.38 25.73 -20.26
CA ASN B 228 -12.67 26.26 -20.71
C ASN B 228 -13.37 27.05 -19.62
N ALA B 229 -13.07 26.79 -18.35
CA ALA B 229 -13.78 27.41 -17.24
C ALA B 229 -13.18 28.72 -16.75
N THR B 230 -11.91 28.97 -17.04
CA THR B 230 -11.23 30.10 -16.42
C THR B 230 -10.06 30.49 -17.32
N SER B 231 -9.35 31.54 -16.95
CA SER B 231 -8.19 32.01 -17.70
C SER B 231 -6.93 31.50 -17.03
N ILE B 232 -6.14 30.71 -17.75
CA ILE B 232 -4.91 30.17 -17.18
C ILE B 232 -3.81 31.18 -17.46
N ALA B 233 -3.45 31.96 -16.44
CA ALA B 233 -2.32 32.87 -16.58
C ALA B 233 -1.00 32.11 -16.58
N THR B 234 -0.81 31.20 -15.62
CA THR B 234 0.40 30.40 -15.51
C THR B 234 0.05 28.98 -15.14
N ILE B 235 0.86 28.06 -15.61
CA ILE B 235 0.78 26.66 -15.21
C ILE B 235 2.20 26.12 -15.08
N SER B 236 2.51 25.53 -13.94
CA SER B 236 3.80 24.93 -13.72
C SER B 236 3.68 23.42 -13.94
N VAL B 237 4.50 22.89 -14.85
CA VAL B 237 4.55 21.47 -15.16
C VAL B 237 5.60 20.86 -14.24
N GLU B 238 5.17 20.17 -13.18
CA GLU B 238 6.09 19.79 -12.11
C GLU B 238 6.79 18.47 -12.40
N ARG B 239 8.06 18.38 -11.99
CA ARG B 239 8.77 17.12 -12.02
C ARG B 239 9.80 17.13 -10.90
N ASP B 240 9.87 16.03 -10.12
CA ASP B 240 10.77 15.94 -9.00
C ASP B 240 11.64 14.70 -9.01
N GLU B 241 11.37 13.74 -9.89
CA GLU B 241 12.21 12.56 -10.09
C GLU B 241 12.13 12.24 -11.57
N ASN B 242 13.03 11.36 -12.00
CA ASN B 242 13.10 10.89 -13.38
C ASN B 242 13.30 12.07 -14.34
N PHE B 243 14.45 12.73 -14.19
CA PHE B 243 14.75 13.97 -14.91
C PHE B 243 15.22 13.67 -16.33
N ASP B 244 14.33 13.05 -17.10
CA ASP B 244 14.52 12.84 -18.52
C ASP B 244 13.96 14.04 -19.28
N VAL B 245 14.84 14.79 -19.96
CA VAL B 245 14.40 16.02 -20.62
C VAL B 245 13.31 15.74 -21.65
N SER B 246 13.38 14.61 -22.36
CA SER B 246 12.38 14.31 -23.37
C SER B 246 11.00 14.12 -22.75
N ASP B 247 10.94 13.48 -21.58
CA ASP B 247 9.67 13.29 -20.88
C ASP B 247 9.12 14.61 -20.37
N TRP B 248 9.98 15.43 -19.77
CA TRP B 248 9.54 16.73 -19.27
C TRP B 248 9.06 17.63 -20.40
N ALA B 249 9.80 17.64 -21.51
CA ALA B 249 9.39 18.41 -22.69
C ALA B 249 8.09 17.89 -23.26
N LEU B 250 7.91 16.56 -23.34
CA LEU B 250 6.66 15.99 -23.80
C LEU B 250 5.48 16.47 -22.97
N ASP B 251 5.63 16.51 -21.65
CA ASP B 251 4.58 17.06 -20.80
C ASP B 251 4.31 18.51 -21.15
N ILE B 252 5.38 19.29 -21.30
CA ILE B 252 5.22 20.71 -21.61
C ILE B 252 4.52 20.90 -22.96
N ASP B 253 4.96 20.17 -23.98
CA ASP B 253 4.31 20.20 -25.29
C ASP B 253 2.83 19.80 -25.18
N ASN B 254 2.56 18.71 -24.45
CA ASN B 254 1.18 18.24 -24.36
C ASN B 254 0.28 19.27 -23.69
N VAL B 255 0.80 19.97 -22.68
CA VAL B 255 0.00 20.98 -22.00
C VAL B 255 -0.31 22.14 -22.95
N ARG B 256 0.71 22.61 -23.70
CA ARG B 256 0.48 23.70 -24.65
C ARG B 256 -0.47 23.25 -25.77
N ASN B 257 -0.25 22.05 -26.31
CA ASN B 257 -1.11 21.55 -27.38
C ASN B 257 -2.55 21.38 -26.91
N ARG B 258 -2.74 20.91 -25.67
CA ARG B 258 -4.09 20.63 -25.19
C ARG B 258 -4.95 21.88 -25.12
N VAL B 259 -4.36 23.03 -24.83
CA VAL B 259 -5.13 24.25 -24.72
C VAL B 259 -5.11 25.06 -26.01
N SER B 260 -4.39 24.63 -27.02
CA SER B 260 -4.28 25.36 -28.29
C SER B 260 -5.54 25.18 -29.13
N MET C 1 -5.79 -16.57 19.05
CA MET C 1 -4.92 -15.63 19.76
C MET C 1 -4.05 -14.87 18.77
N GLU C 2 -3.46 -13.75 19.25
CA GLU C 2 -2.56 -13.04 18.34
C GLU C 2 -1.21 -13.72 18.30
N GLU C 3 -0.94 -14.58 19.28
CA GLU C 3 0.29 -15.36 19.23
C GLU C 3 0.24 -16.39 18.12
N ILE C 4 -0.91 -17.02 17.93
CA ILE C 4 -1.06 -17.96 16.83
C ILE C 4 -0.94 -17.23 15.50
N LEU C 5 -1.57 -16.06 15.38
CA LEU C 5 -1.45 -15.25 14.18
C LEU C 5 -0.01 -14.81 13.95
N ASP C 6 0.66 -14.34 15.01
CA ASP C 6 2.05 -13.91 14.89
C ASP C 6 2.92 -15.05 14.35
N ARG C 7 2.72 -16.29 14.82
CA ARG C 7 3.57 -17.37 14.37
C ARG C 7 3.25 -17.79 12.95
N ILE C 8 2.08 -17.43 12.44
CA ILE C 8 1.78 -17.75 11.06
C ILE C 8 2.55 -16.84 10.11
N ILE C 9 2.67 -15.54 10.46
CA ILE C 9 3.40 -14.63 9.59
C ILE C 9 4.87 -14.54 9.97
N ASN C 10 5.23 -14.95 11.18
CA ASN C 10 6.57 -14.76 11.73
C ASN C 10 6.97 -16.06 12.42
N PRO C 11 7.11 -17.15 11.66
CA PRO C 11 7.16 -18.49 12.28
C PRO C 11 8.41 -18.80 13.07
N LEU C 12 9.53 -18.10 12.86
CA LEU C 12 10.77 -18.52 13.48
C LEU C 12 11.00 -18.00 14.90
N SER C 13 10.06 -17.29 15.50
CA SER C 13 10.12 -17.15 16.94
C SER C 13 10.18 -18.53 17.63
N ALA C 14 10.88 -18.58 18.76
CA ALA C 14 10.90 -19.76 19.62
C ALA C 14 9.84 -19.70 20.73
N LYS C 15 9.02 -18.65 20.78
CA LYS C 15 7.90 -18.55 21.72
C LYS C 15 7.06 -19.82 21.69
N PRO C 16 6.79 -20.43 22.84
CA PRO C 16 6.18 -21.76 22.85
C PRO C 16 4.73 -21.76 22.37
N LEU C 17 4.35 -22.85 21.73
CA LEU C 17 2.98 -23.12 21.34
C LEU C 17 2.59 -24.50 21.83
N THR C 18 1.32 -24.67 22.16
CA THR C 18 0.79 -26.00 22.44
C THR C 18 0.81 -26.84 21.17
N LYS C 19 0.64 -28.15 21.32
CA LYS C 19 0.65 -29.02 20.15
C LYS C 19 -0.46 -28.64 19.17
N LYS C 20 -1.68 -28.41 19.66
CA LYS C 20 -2.77 -28.00 18.78
C LYS C 20 -2.44 -26.69 18.05
N GLU C 21 -1.97 -25.67 18.79
CA GLU C 21 -1.62 -24.41 18.13
C GLU C 21 -0.51 -24.61 17.10
N HIS C 22 0.50 -25.42 17.43
CA HIS C 22 1.61 -25.64 16.51
C HIS C 22 1.16 -26.38 15.27
N ILE C 23 0.29 -27.38 15.42
CA ILE C 23 -0.16 -28.11 14.24
C ILE C 23 -1.04 -27.20 13.36
N TYR C 24 -1.82 -26.30 13.96
CA TYR C 24 -2.59 -25.36 13.16
C TYR C 24 -1.69 -24.40 12.37
N THR C 25 -0.77 -23.71 13.06
CA THR C 25 0.10 -22.77 12.36
C THR C 25 0.89 -23.49 11.28
N SER C 26 1.37 -24.71 11.57
CA SER C 26 2.09 -25.47 10.55
C SER C 26 1.17 -25.82 9.39
N LEU C 27 -0.08 -26.17 9.71
CA LEU C 27 -1.02 -26.50 8.65
C LEU C 27 -1.25 -25.31 7.71
N VAL C 28 -1.53 -24.14 8.28
CA VAL C 28 -1.75 -22.93 7.48
C VAL C 28 -0.53 -22.61 6.63
N LEU C 29 0.65 -22.62 7.26
CA LEU C 29 1.89 -22.41 6.51
C LEU C 29 2.07 -23.47 5.45
N GLN C 30 1.68 -24.71 5.71
CA GLN C 30 1.91 -25.80 4.74
C GLN C 30 1.12 -25.54 3.45
N SER C 31 -0.03 -24.87 3.58
CA SER C 31 -0.86 -24.63 2.39
C SER C 31 -0.14 -23.77 1.36
N SER C 32 0.56 -22.72 1.79
CA SER C 32 1.28 -21.89 0.84
C SER C 32 2.51 -22.60 0.29
N GLN C 33 3.16 -23.46 1.08
CA GLN C 33 4.27 -24.23 0.53
C GLN C 33 3.77 -25.22 -0.53
N SER C 34 2.66 -25.91 -0.25
CA SER C 34 2.10 -26.85 -1.22
C SER C 34 1.79 -26.18 -2.55
N LEU C 35 1.22 -24.97 -2.50
CA LEU C 35 0.93 -24.26 -3.73
C LEU C 35 2.19 -24.10 -4.58
N ILE C 36 3.27 -23.66 -3.95
CA ILE C 36 4.53 -23.46 -4.67
C ILE C 36 5.07 -24.79 -5.19
N LEU C 37 5.13 -25.80 -4.31
CA LEU C 37 5.74 -27.07 -4.70
C LEU C 37 4.94 -27.77 -5.80
N SER C 38 3.61 -27.77 -5.67
CA SER C 38 2.79 -28.44 -6.69
C SER C 38 2.97 -27.80 -8.05
N ALA C 39 3.11 -26.47 -8.11
CA ALA C 39 3.12 -25.75 -9.37
C ALA C 39 4.52 -25.60 -9.99
N CYS C 40 5.58 -25.85 -9.25
CA CYS C 40 6.95 -25.62 -9.74
C CYS C 40 7.79 -26.88 -9.58
N PRO C 41 7.61 -27.87 -10.44
CA PRO C 41 8.39 -29.11 -10.31
C PRO C 41 9.88 -28.90 -10.44
N SER C 42 10.31 -27.84 -11.12
CA SER C 42 11.74 -27.59 -11.23
C SER C 42 12.41 -27.40 -9.88
N LEU C 43 11.66 -27.01 -8.84
CA LEU C 43 12.28 -26.85 -7.53
C LEU C 43 12.85 -28.16 -7.00
N GLN C 44 12.41 -29.30 -7.53
CA GLN C 44 12.95 -30.59 -7.09
C GLN C 44 14.40 -30.77 -7.51
N SER C 45 14.89 -29.95 -8.45
CA SER C 45 16.32 -29.96 -8.79
C SER C 45 17.20 -29.49 -7.65
N GLN C 46 16.63 -28.79 -6.66
CA GLN C 46 17.36 -28.33 -5.48
C GLN C 46 16.53 -28.73 -4.27
N ARG C 47 16.75 -29.93 -3.75
CA ARG C 47 15.89 -30.44 -2.69
C ARG C 47 15.92 -29.57 -1.44
N GLN C 48 17.02 -28.84 -1.21
CA GLN C 48 17.07 -27.97 -0.03
C GLN C 48 16.04 -26.86 -0.09
N PHE C 49 15.62 -26.44 -1.29
CA PHE C 49 14.59 -25.42 -1.39
C PHE C 49 13.21 -25.95 -0.98
N CYS C 50 13.06 -27.27 -0.90
CA CYS C 50 11.74 -27.88 -0.79
C CYS C 50 11.38 -28.28 0.64
N SER C 51 12.27 -28.11 1.60
CA SER C 51 11.95 -28.50 2.97
C SER C 51 10.97 -27.50 3.57
N PHE C 52 10.16 -27.99 4.51
CA PHE C 52 9.24 -27.11 5.20
C PHE C 52 9.98 -26.06 6.02
N GLU C 53 11.14 -26.41 6.60
CA GLU C 53 11.91 -25.41 7.33
C GLU C 53 12.40 -24.31 6.40
N TYR C 54 12.80 -24.67 5.17
CA TYR C 54 13.15 -23.64 4.20
C TYR C 54 11.97 -22.73 3.91
N HIS C 55 10.77 -23.32 3.77
CA HIS C 55 9.57 -22.52 3.61
C HIS C 55 9.38 -21.58 4.80
N GLN C 56 9.56 -22.09 6.02
CA GLN C 56 9.41 -21.26 7.22
C GLN C 56 10.41 -20.11 7.23
N GLN C 57 11.66 -20.39 6.83
CA GLN C 57 12.65 -19.32 6.71
C GLN C 57 12.21 -18.30 5.67
N PHE C 58 11.67 -18.78 4.55
CA PHE C 58 11.16 -17.88 3.52
C PHE C 58 10.07 -16.98 4.08
N ILE C 59 9.07 -17.56 4.76
CA ILE C 59 7.97 -16.73 5.26
C ILE C 59 8.48 -15.73 6.29
N ASP C 60 9.40 -16.16 7.16
CA ASP C 60 9.97 -15.25 8.15
C ASP C 60 10.68 -14.07 7.49
N TRP C 61 11.46 -14.35 6.45
CA TRP C 61 12.11 -13.28 5.70
C TRP C 61 11.08 -12.34 5.07
N CYS C 62 9.94 -12.89 4.64
CA CYS C 62 8.89 -12.06 4.07
C CYS C 62 8.31 -11.13 5.13
N PHE C 63 8.26 -11.60 6.39
CA PHE C 63 7.77 -10.75 7.47
C PHE C 63 8.76 -9.60 7.72
N PHE C 64 10.05 -9.93 7.85
CA PHE C 64 11.02 -8.90 8.20
C PHE C 64 11.15 -7.86 7.10
N ASN C 65 10.92 -8.25 5.85
CA ASN C 65 11.09 -7.31 4.74
C ASN C 65 9.76 -6.88 4.14
N LYS C 66 8.65 -7.22 4.79
CA LYS C 66 7.30 -6.93 4.29
C LYS C 66 7.17 -7.24 2.81
N LYS C 67 7.62 -8.42 2.42
CA LYS C 67 7.37 -8.92 1.09
C LYS C 67 5.94 -9.47 1.01
N ARG C 68 5.32 -9.31 -0.16
CA ARG C 68 3.94 -9.73 -0.34
C ARG C 68 3.80 -11.25 -0.28
N THR C 69 2.80 -11.72 0.47
CA THR C 69 2.50 -13.15 0.54
C THR C 69 1.12 -13.44 -0.04
N ASP C 70 0.61 -12.59 -0.92
CA ASP C 70 -0.63 -12.89 -1.63
C ASP C 70 -0.32 -13.59 -2.95
N TRP C 71 -0.99 -13.20 -4.04
CA TRP C 71 -0.71 -13.85 -5.32
C TRP C 71 0.74 -13.62 -5.75
N CYS C 72 1.40 -12.59 -5.20
CA CYS C 72 2.82 -12.34 -5.47
C CYS C 72 3.76 -13.20 -4.66
N LEU C 73 3.24 -14.15 -3.87
CA LEU C 73 4.09 -15.04 -3.07
C LEU C 73 5.20 -15.67 -3.90
N ALA C 74 4.85 -16.25 -5.05
CA ALA C 74 5.85 -16.93 -5.89
C ALA C 74 6.97 -15.97 -6.29
N LEU C 75 6.62 -14.71 -6.57
CA LEU C 75 7.67 -13.72 -6.89
C LEU C 75 8.54 -13.44 -5.67
N SER C 76 7.91 -13.25 -4.51
CA SER C 76 8.64 -13.14 -3.26
C SER C 76 9.60 -14.32 -3.07
N PHE C 77 9.14 -15.54 -3.38
CA PHE C 77 10.00 -16.70 -3.22
C PHE C 77 11.22 -16.64 -4.13
N TYR C 78 11.06 -16.19 -5.39
CA TYR C 78 12.24 -16.02 -6.23
C TYR C 78 13.22 -15.03 -5.61
N GLN C 79 12.72 -13.91 -5.10
CA GLN C 79 13.62 -12.92 -4.52
C GLN C 79 14.34 -13.48 -3.29
N TYR C 80 13.65 -14.31 -2.49
CA TYR C 80 14.31 -14.96 -1.37
C TYR C 80 15.43 -15.89 -1.84
N LEU C 81 15.16 -16.72 -2.85
CA LEU C 81 16.17 -17.61 -3.42
C LEU C 81 17.38 -16.81 -3.92
N SER C 82 17.15 -15.66 -4.58
CA SER C 82 18.24 -14.81 -5.01
C SER C 82 19.01 -14.27 -3.81
N TYR C 83 18.26 -13.82 -2.81
CA TYR C 83 18.86 -13.30 -1.59
C TYR C 83 19.74 -14.34 -0.89
N LYS C 84 19.44 -15.63 -1.04
CA LYS C 84 20.14 -16.68 -0.32
C LYS C 84 21.16 -17.44 -1.15
N ASN C 85 20.94 -17.59 -2.45
CA ASN C 85 21.82 -18.37 -3.31
C ASN C 85 22.53 -17.49 -4.32
N GLU C 86 23.69 -17.96 -4.77
CA GLU C 86 24.43 -17.24 -5.80
C GLU C 86 23.79 -17.38 -7.17
N GLN C 87 23.04 -18.47 -7.40
CA GLN C 87 22.35 -18.61 -8.67
C GLN C 87 21.19 -19.59 -8.54
N VAL C 88 20.21 -19.39 -9.42
CA VAL C 88 18.91 -20.08 -9.46
C VAL C 88 18.60 -20.30 -10.93
N SER C 89 18.14 -21.49 -11.29
CA SER C 89 17.93 -21.75 -12.71
C SER C 89 16.77 -20.93 -13.27
N VAL C 90 16.89 -20.55 -14.54
CA VAL C 90 15.85 -19.74 -15.16
C VAL C 90 14.53 -20.50 -15.21
N GLU C 91 14.57 -21.83 -15.17
CA GLU C 91 13.32 -22.58 -15.20
C GLU C 91 12.55 -22.43 -13.90
N ILE C 92 13.25 -22.30 -12.77
CA ILE C 92 12.60 -21.97 -11.51
C ILE C 92 12.01 -20.57 -11.56
N LEU C 93 12.77 -19.60 -12.07
CA LEU C 93 12.24 -18.26 -12.24
C LEU C 93 10.97 -18.28 -13.09
N LYS C 94 11.02 -18.97 -14.22
CA LYS C 94 9.89 -19.02 -15.13
C LYS C 94 8.67 -19.65 -14.47
N GLU C 95 8.85 -20.81 -13.85
CA GLU C 95 7.72 -21.48 -13.21
C GLU C 95 7.11 -20.60 -12.12
N LEU C 96 7.96 -19.85 -11.38
CA LEU C 96 7.42 -19.01 -10.32
C LEU C 96 6.65 -17.82 -10.90
N ILE C 97 7.13 -17.26 -12.01
CA ILE C 97 6.36 -16.21 -12.69
C ILE C 97 5.04 -16.77 -13.19
N HIS C 98 5.06 -17.98 -13.78
CA HIS C 98 3.81 -18.62 -14.23
C HIS C 98 2.84 -18.80 -13.06
N LEU C 99 3.35 -19.25 -11.91
CA LEU C 99 2.51 -19.43 -10.75
C LEU C 99 1.88 -18.12 -10.31
N ALA C 100 2.69 -17.05 -10.22
CA ALA C 100 2.18 -15.74 -9.85
C ALA C 100 1.10 -15.26 -10.83
N CYS C 101 1.32 -15.46 -12.15
CA CYS C 101 0.29 -15.05 -13.10
C CYS C 101 -0.99 -15.82 -12.94
N SER C 102 -0.87 -17.13 -12.72
CA SER C 102 -2.02 -17.95 -12.38
C SER C 102 -2.73 -17.43 -11.13
N GLN C 103 -1.96 -17.23 -10.05
CA GLN C 103 -2.58 -16.81 -8.79
C GLN C 103 -3.21 -15.43 -8.92
N TRP C 104 -2.66 -14.57 -9.78
CA TRP C 104 -3.31 -13.29 -10.03
C TRP C 104 -4.74 -13.50 -10.56
N THR C 105 -4.93 -14.41 -11.52
CA THR C 105 -6.27 -14.56 -12.11
C THR C 105 -7.29 -15.03 -11.08
N TYR C 106 -6.86 -15.71 -10.01
CA TYR C 106 -7.77 -16.11 -8.95
C TYR C 106 -7.99 -15.05 -7.88
N ALA C 107 -7.04 -14.12 -7.70
CA ALA C 107 -7.09 -13.19 -6.58
C ALA C 107 -7.62 -11.81 -6.97
N ASP C 108 -7.38 -11.36 -8.19
CA ASP C 108 -7.81 -10.01 -8.56
C ASP C 108 -9.32 -9.98 -8.81
N LYS C 109 -10.02 -9.09 -8.11
CA LYS C 109 -11.48 -9.05 -8.17
C LYS C 109 -11.98 -7.78 -8.85
N SER C 110 -11.45 -7.46 -10.02
CA SER C 110 -11.82 -6.32 -10.83
C SER C 110 -12.29 -6.81 -12.19
N THR C 111 -12.76 -5.88 -13.03
CA THR C 111 -13.08 -6.24 -14.40
C THR C 111 -11.84 -6.38 -15.28
N ASN C 112 -10.66 -6.02 -14.79
CA ASN C 112 -9.46 -6.18 -15.61
C ASN C 112 -9.20 -7.66 -15.85
N GLN C 113 -8.82 -8.00 -17.07
CA GLN C 113 -8.70 -9.39 -17.46
C GLN C 113 -7.26 -9.93 -17.45
N THR C 114 -6.25 -9.07 -17.38
CA THR C 114 -4.90 -9.46 -17.73
C THR C 114 -3.87 -8.87 -16.78
N VAL C 115 -2.91 -9.70 -16.37
CA VAL C 115 -1.69 -9.23 -15.72
C VAL C 115 -0.53 -9.59 -16.62
N VAL C 116 0.46 -8.69 -16.68
CA VAL C 116 1.71 -8.90 -17.39
C VAL C 116 2.83 -8.72 -16.38
N ILE C 117 3.78 -9.64 -16.37
CA ILE C 117 4.89 -9.65 -15.44
C ILE C 117 6.18 -9.81 -16.24
N CYS C 118 7.23 -9.08 -15.84
CA CYS C 118 8.56 -9.25 -16.37
C CYS C 118 9.57 -9.24 -15.24
N HIS C 119 10.78 -9.74 -15.53
CA HIS C 119 11.91 -9.77 -14.61
C HIS C 119 13.18 -9.36 -15.36
N THR C 120 14.08 -8.67 -14.65
CA THR C 120 15.31 -8.15 -15.25
C THR C 120 16.16 -9.25 -15.89
N ARG C 121 16.10 -10.47 -15.37
CA ARG C 121 16.91 -11.56 -15.89
C ARG C 121 16.46 -12.02 -17.27
N LEU C 122 15.21 -11.72 -17.66
CA LEU C 122 14.67 -12.18 -18.94
C LEU C 122 14.07 -10.99 -19.66
N PRO C 123 14.92 -10.07 -20.14
CA PRO C 123 14.40 -8.83 -20.74
C PRO C 123 13.66 -9.05 -22.04
N SER C 124 13.82 -10.20 -22.69
CA SER C 124 13.17 -10.52 -23.95
C SER C 124 12.01 -11.50 -23.79
N MET C 125 11.41 -11.57 -22.60
CA MET C 125 10.30 -12.46 -22.33
C MET C 125 9.23 -11.68 -21.59
N VAL C 126 7.99 -11.82 -22.02
CA VAL C 126 6.85 -11.19 -21.38
C VAL C 126 5.93 -12.29 -20.88
N PHE C 127 5.70 -12.33 -19.58
CA PHE C 127 4.81 -13.30 -18.99
C PHE C 127 3.47 -12.66 -18.68
N GLY C 128 2.39 -13.46 -18.73
CA GLY C 128 1.07 -12.91 -18.53
C GLY C 128 0.07 -13.95 -18.04
N GLY C 129 -1.05 -13.44 -17.56
CA GLY C 129 -2.18 -14.28 -17.24
C GLY C 129 -3.48 -13.62 -17.65
N ASN C 130 -4.40 -14.40 -18.24
CA ASN C 130 -5.75 -13.96 -18.58
C ASN C 130 -6.75 -14.72 -17.72
N LYS C 131 -7.63 -13.99 -17.05
CA LYS C 131 -8.75 -14.61 -16.36
C LYS C 131 -9.60 -15.42 -17.33
N SER C 132 -10.28 -16.44 -16.81
CA SER C 132 -11.29 -17.10 -17.62
C SER C 132 -12.32 -16.09 -18.10
N LEU C 133 -12.67 -16.18 -19.39
CA LEU C 133 -13.67 -15.32 -20.00
C LEU C 133 -14.94 -16.07 -20.35
N PHE C 134 -14.97 -17.38 -20.17
CA PHE C 134 -16.14 -18.20 -20.48
C PHE C 134 -16.23 -19.32 -19.46
N ALA C 135 -17.48 -19.69 -19.11
CA ALA C 135 -17.74 -20.53 -17.95
C ALA C 135 -16.89 -21.82 -17.93
N GLN C 136 -16.71 -22.47 -19.07
CA GLN C 136 -16.02 -23.75 -19.06
C GLN C 136 -14.56 -23.66 -19.52
N GLU C 137 -14.02 -22.46 -19.61
CA GLU C 137 -12.65 -22.29 -20.10
C GLU C 137 -11.72 -21.95 -18.94
N PHE C 138 -10.57 -22.62 -18.90
CA PHE C 138 -9.57 -22.32 -17.88
C PHE C 138 -8.97 -20.93 -18.08
N ARG C 139 -8.55 -20.34 -16.95
CA ARG C 139 -7.61 -19.23 -16.98
C ARG C 139 -6.39 -19.58 -17.81
N GLU C 140 -5.80 -18.58 -18.44
CA GLU C 140 -4.73 -18.75 -19.39
C GLU C 140 -3.46 -18.08 -18.86
N VAL C 141 -2.40 -18.86 -18.74
CA VAL C 141 -1.08 -18.37 -18.36
C VAL C 141 -0.20 -18.46 -19.61
N PHE C 142 0.38 -17.35 -20.02
CA PHE C 142 1.06 -17.33 -21.30
C PHE C 142 2.45 -16.72 -21.18
N LEU C 143 3.20 -16.87 -22.26
CA LEU C 143 4.58 -16.43 -22.36
C LEU C 143 4.80 -15.91 -23.77
N LEU C 144 5.43 -14.73 -23.88
CA LEU C 144 5.74 -14.11 -25.15
C LEU C 144 7.23 -13.85 -25.25
N GLU C 145 7.80 -14.17 -26.39
CA GLU C 145 9.19 -13.84 -26.67
C GLU C 145 9.14 -12.57 -27.51
N THR C 146 9.66 -11.48 -26.97
CA THR C 146 9.52 -10.21 -27.64
C THR C 146 10.50 -9.22 -27.03
N GLU C 147 10.95 -8.29 -27.85
CA GLU C 147 11.82 -7.22 -27.42
C GLU C 147 11.04 -5.98 -27.04
N GLN C 148 9.71 -6.04 -27.05
CA GLN C 148 8.90 -4.83 -26.95
C GLN C 148 9.15 -4.09 -25.65
N LEU C 149 9.37 -4.82 -24.55
CA LEU C 149 9.57 -4.17 -23.26
C LEU C 149 11.02 -4.19 -22.83
N LYS C 150 11.91 -4.74 -23.66
CA LYS C 150 13.31 -4.86 -23.27
C LYS C 150 13.97 -3.50 -23.06
N PRO C 151 13.78 -2.48 -23.92
CA PRO C 151 14.34 -1.16 -23.60
C PRO C 151 13.81 -0.59 -22.29
N PHE C 152 12.53 -0.74 -22.02
CA PHE C 152 11.98 -0.21 -20.78
C PHE C 152 12.52 -0.95 -19.55
N ILE C 153 12.89 -2.23 -19.68
CA ILE C 153 13.23 -3.00 -18.48
C ILE C 153 14.69 -2.82 -18.13
N GLN C 154 15.52 -2.44 -19.10
CA GLN C 154 16.91 -2.22 -18.81
C GLN C 154 17.13 -0.79 -18.32
N SER C 155 16.30 0.14 -18.77
CA SER C 155 16.44 1.51 -18.35
C SER C 155 15.65 1.84 -17.09
N HIS C 156 14.52 1.17 -16.83
CA HIS C 156 13.65 1.57 -15.73
C HIS C 156 13.39 0.50 -14.65
N VAL C 157 14.02 -0.66 -14.70
CA VAL C 157 13.84 -1.68 -13.67
C VAL C 157 15.20 -2.03 -13.09
N PRO C 158 15.44 -1.80 -11.81
CA PRO C 158 16.73 -2.17 -11.22
C PRO C 158 16.88 -3.68 -11.23
N ASP C 159 18.13 -4.12 -11.30
CA ASP C 159 18.41 -5.56 -11.40
C ASP C 159 17.85 -6.28 -10.18
N GLY C 160 17.32 -7.48 -10.41
CA GLY C 160 16.72 -8.26 -9.35
C GLY C 160 15.24 -7.98 -9.12
N TYR C 161 14.68 -6.91 -9.69
CA TYR C 161 13.28 -6.57 -9.51
C TYR C 161 12.38 -7.20 -10.58
N PHE C 162 11.17 -7.55 -10.17
CA PHE C 162 10.06 -7.80 -11.09
C PHE C 162 9.35 -6.49 -11.37
N VAL C 163 8.62 -6.45 -12.48
CA VAL C 163 7.68 -5.36 -12.72
C VAL C 163 6.41 -5.98 -13.30
N TYR C 164 5.26 -5.44 -12.90
CA TYR C 164 4.00 -6.02 -13.31
C TYR C 164 3.01 -4.91 -13.63
N TRP C 165 2.08 -5.25 -14.53
CA TRP C 165 1.02 -4.35 -14.98
C TRP C 165 -0.29 -5.11 -14.93
N ILE C 166 -1.34 -4.41 -14.51
CA ILE C 166 -2.71 -4.89 -14.64
C ILE C 166 -3.36 -4.17 -15.81
N LEU C 167 -3.94 -4.92 -16.73
CA LEU C 167 -4.51 -4.38 -17.96
C LEU C 167 -5.95 -4.83 -18.12
N ARG C 168 -6.73 -4.04 -18.86
CA ARG C 168 -8.14 -4.40 -19.08
C ARG C 168 -8.26 -5.68 -19.90
N ASP C 169 -7.34 -5.91 -20.83
CA ASP C 169 -7.31 -7.15 -21.61
C ASP C 169 -5.87 -7.33 -22.12
N ASP C 170 -5.67 -8.27 -23.03
CA ASP C 170 -4.34 -8.56 -23.53
C ASP C 170 -4.12 -8.07 -24.96
N SER C 171 -4.86 -7.06 -25.40
CA SER C 171 -4.72 -6.57 -26.78
C SER C 171 -3.46 -5.72 -26.97
N GLU C 172 -3.04 -4.96 -25.97
CA GLU C 172 -1.93 -4.03 -26.12
C GLU C 172 -0.87 -4.29 -25.06
N TYR C 173 0.38 -4.02 -25.42
CA TYR C 173 1.46 -4.02 -24.45
C TYR C 173 1.27 -2.88 -23.46
N PRO C 174 1.80 -3.03 -22.25
CA PRO C 174 1.76 -1.92 -21.29
C PRO C 174 2.51 -0.70 -21.82
N SER C 175 1.89 0.46 -21.62
CA SER C 175 2.46 1.74 -22.03
C SER C 175 3.26 2.41 -20.90
N THR C 176 2.87 2.16 -19.66
CA THR C 176 3.21 2.93 -18.47
C THR C 176 4.30 2.25 -17.65
N MET C 177 4.70 2.89 -16.57
CA MET C 177 5.48 2.20 -15.55
C MET C 177 4.54 1.36 -14.70
N GLY C 178 4.92 0.12 -14.46
CA GLY C 178 4.20 -0.76 -13.57
C GLY C 178 4.80 -0.75 -12.17
N GLU C 179 4.39 -1.71 -11.37
CA GLU C 179 4.81 -1.77 -9.99
C GLU C 179 6.08 -2.62 -9.85
N LYS C 180 6.98 -2.16 -8.98
CA LYS C 180 8.31 -2.73 -8.70
C LYS C 180 9.24 -2.61 -9.90
N MET D 1 36.83 27.54 10.24
CA MET D 1 37.32 26.19 10.04
C MET D 1 37.37 25.83 8.55
N LYS D 2 37.21 26.84 7.69
CA LYS D 2 37.23 26.61 6.24
C LYS D 2 38.66 26.63 5.67
N ASN D 3 39.62 27.20 6.44
CA ASN D 3 41.05 27.10 6.19
C ASN D 3 41.74 25.91 6.82
N ASP D 4 41.00 24.98 7.38
CA ASP D 4 41.68 23.86 8.00
C ASP D 4 41.65 22.67 7.03
N LYS D 5 42.17 21.54 7.48
CA LYS D 5 42.31 20.33 6.67
C LYS D 5 40.96 19.62 6.59
N LYS D 6 40.29 19.77 5.45
CA LYS D 6 38.89 19.43 5.29
C LYS D 6 38.66 18.49 4.12
N VAL D 7 37.72 17.56 4.30
CA VAL D 7 37.28 16.64 3.25
C VAL D 7 35.78 16.85 3.04
N VAL D 8 35.36 16.99 1.78
CA VAL D 8 33.95 17.02 1.42
C VAL D 8 33.53 15.62 0.99
N VAL D 9 32.42 15.12 1.55
CA VAL D 9 31.97 13.76 1.25
C VAL D 9 30.63 13.82 0.55
N LYS D 10 30.36 12.79 -0.26
CA LYS D 10 29.08 12.64 -0.91
C LYS D 10 28.05 12.04 0.05
N VAL D 11 26.83 12.54 -0.01
CA VAL D 11 25.70 11.92 0.67
C VAL D 11 24.62 11.74 -0.36
N LYS D 12 24.18 10.50 -0.55
CA LYS D 12 23.17 10.26 -1.57
C LYS D 12 21.78 10.36 -0.95
N ASP D 13 21.28 11.59 -0.95
CA ASP D 13 19.93 11.94 -0.49
C ASP D 13 19.41 13.03 -1.41
N LYS D 14 18.42 13.77 -0.95
CA LYS D 14 17.75 14.70 -1.85
C LYS D 14 17.11 15.82 -1.05
N GLU D 15 17.04 16.99 -1.67
CA GLU D 15 16.34 18.12 -1.09
C GLU D 15 14.85 17.78 -0.90
N MET D 16 14.20 18.56 -0.04
CA MET D 16 12.73 18.49 0.09
C MET D 16 12.08 18.82 -1.25
N THR D 17 11.09 18.03 -1.63
CA THR D 17 10.36 18.23 -2.85
C THR D 17 8.87 18.12 -2.54
N CYS D 18 8.04 18.61 -3.47
CA CYS D 18 6.61 18.43 -3.29
C CYS D 18 6.22 16.99 -3.62
N GLY D 19 7.00 16.34 -4.46
CA GLY D 19 6.78 14.96 -4.82
C GLY D 19 6.78 14.01 -3.63
N ALA D 20 5.69 13.29 -3.45
CA ALA D 20 5.61 12.29 -2.41
C ALA D 20 6.51 11.09 -2.74
N PHE D 21 6.91 10.38 -1.69
CA PHE D 21 7.75 9.19 -1.87
C PHE D 21 6.90 8.01 -2.34
N ASN D 22 7.50 7.16 -3.20
CA ASN D 22 6.88 5.90 -3.60
C ASN D 22 7.98 4.84 -3.72
N LYS D 23 7.63 3.60 -3.38
CA LYS D 23 8.63 2.54 -3.23
C LYS D 23 9.23 2.19 -4.59
N MET E 1 -1.22 -9.51 -27.41
CA MET E 1 -0.39 -8.34 -27.67
C MET E 1 0.12 -8.49 -29.10
N LYS E 2 0.99 -7.57 -29.58
CA LYS E 2 1.25 -7.57 -31.02
C LYS E 2 2.34 -8.55 -31.47
N ASN E 3 3.18 -9.08 -30.59
CA ASN E 3 3.94 -10.26 -31.01
C ASN E 3 3.11 -11.47 -30.59
N ASP E 4 2.09 -11.77 -31.39
CA ASP E 4 1.13 -12.84 -31.11
C ASP E 4 1.78 -14.23 -31.07
N LYS E 5 3.13 -14.21 -31.16
CA LYS E 5 3.93 -15.45 -31.02
C LYS E 5 3.92 -15.78 -29.54
N LYS E 6 3.00 -16.63 -29.11
CA LYS E 6 2.77 -16.87 -27.69
C LYS E 6 2.70 -18.37 -27.43
N VAL E 7 3.12 -18.77 -26.23
CA VAL E 7 2.95 -20.14 -25.75
C VAL E 7 2.06 -20.08 -24.49
N VAL E 8 1.04 -20.94 -24.44
CA VAL E 8 0.23 -21.12 -23.24
C VAL E 8 0.82 -22.27 -22.46
N VAL E 9 1.02 -22.08 -21.15
CA VAL E 9 1.65 -23.11 -20.31
C VAL E 9 0.69 -23.56 -19.23
N LYS E 10 0.87 -24.81 -18.78
CA LYS E 10 0.13 -25.35 -17.65
C LYS E 10 0.74 -24.89 -16.33
N VAL E 11 -0.13 -24.62 -15.35
CA VAL E 11 0.24 -24.38 -13.95
C VAL E 11 -0.65 -25.27 -13.08
N LYS E 12 -0.04 -26.11 -12.26
CA LYS E 12 -0.82 -27.03 -11.41
C LYS E 12 -1.14 -26.34 -10.08
N ASP E 13 -2.23 -25.59 -10.05
CA ASP E 13 -2.69 -24.89 -8.85
C ASP E 13 -4.21 -24.94 -8.87
N LYS E 14 -4.86 -24.04 -8.13
CA LYS E 14 -6.30 -24.13 -8.02
C LYS E 14 -6.88 -22.76 -7.65
N GLU E 15 -8.12 -22.54 -8.10
CA GLU E 15 -8.89 -21.35 -7.76
C GLU E 15 -9.12 -21.25 -6.25
N MET E 16 -9.53 -20.06 -5.82
CA MET E 16 -10.03 -19.88 -4.45
C MET E 16 -11.24 -20.78 -4.22
N THR E 17 -11.24 -21.47 -3.08
CA THR E 17 -12.37 -22.32 -2.67
C THR E 17 -12.65 -22.09 -1.20
N CYS E 18 -13.86 -22.49 -0.79
CA CYS E 18 -14.19 -22.40 0.62
C CYS E 18 -13.53 -23.49 1.44
N GLY E 19 -13.24 -24.63 0.81
CA GLY E 19 -12.53 -25.71 1.44
C GLY E 19 -11.17 -25.32 1.94
N ALA E 20 -10.95 -25.49 3.25
CA ALA E 20 -9.64 -25.28 3.84
C ALA E 20 -8.65 -26.36 3.38
N PHE E 21 -7.37 -26.02 3.46
CA PHE E 21 -6.29 -26.94 3.10
C PHE E 21 -6.03 -27.96 4.21
N ASN E 22 -5.66 -29.17 3.81
CA ASN E 22 -5.19 -30.15 4.79
C ASN E 22 -4.02 -30.98 4.23
N MET F 1 -7.30 10.49 9.67
CA MET F 1 -7.72 10.36 11.06
C MET F 1 -6.53 10.12 12.01
N GLU F 2 -6.83 10.14 13.31
CA GLU F 2 -5.78 10.04 14.30
C GLU F 2 -5.25 8.62 14.44
N GLU F 3 -5.99 7.61 14.01
CA GLU F 3 -5.43 6.26 14.04
C GLU F 3 -4.33 6.09 13.01
N ILE F 4 -4.52 6.66 11.82
CA ILE F 4 -3.48 6.57 10.79
C ILE F 4 -2.22 7.28 11.26
N LEU F 5 -2.37 8.48 11.79
CA LEU F 5 -1.22 9.23 12.29
C LEU F 5 -0.52 8.48 13.41
N ASP F 6 -1.29 7.89 14.33
CA ASP F 6 -0.72 7.15 15.44
C ASP F 6 0.14 5.98 14.95
N ARG F 7 -0.32 5.25 13.93
CA ARG F 7 0.47 4.11 13.47
C ARG F 7 1.69 4.54 12.68
N ILE F 8 1.75 5.80 12.21
CA ILE F 8 2.95 6.28 11.51
C ILE F 8 4.08 6.54 12.49
N ILE F 9 3.78 7.12 13.65
CA ILE F 9 4.81 7.39 14.65
C ILE F 9 4.97 6.25 15.66
N ASN F 10 3.99 5.36 15.75
CA ASN F 10 3.96 4.27 16.74
C ASN F 10 3.51 3.02 15.99
N PRO F 11 4.34 2.51 15.07
CA PRO F 11 3.85 1.50 14.10
C PRO F 11 3.51 0.15 14.70
N LEU F 12 4.05 -0.21 15.86
CA LEU F 12 3.82 -1.52 16.44
C LEU F 12 2.54 -1.56 17.29
N SER F 13 1.72 -0.51 17.23
CA SER F 13 0.35 -0.62 17.74
C SER F 13 -0.29 -1.88 17.18
N ALA F 14 -1.12 -2.53 17.98
CA ALA F 14 -1.86 -3.69 17.51
C ALA F 14 -3.25 -3.33 17.00
N LYS F 15 -3.63 -2.06 17.09
CA LYS F 15 -4.86 -1.54 16.51
C LYS F 15 -4.99 -1.92 15.04
N PRO F 16 -6.07 -2.57 14.63
CA PRO F 16 -6.20 -3.02 13.24
C PRO F 16 -6.39 -1.84 12.30
N LEU F 17 -5.87 -1.99 11.08
CA LEU F 17 -6.05 -0.99 10.04
C LEU F 17 -6.64 -1.68 8.82
N THR F 18 -7.32 -0.89 7.98
CA THR F 18 -7.69 -1.44 6.68
C THR F 18 -6.44 -1.73 5.84
N LYS F 19 -6.66 -2.50 4.77
CA LYS F 19 -5.59 -2.84 3.84
C LYS F 19 -4.98 -1.57 3.24
N LYS F 20 -5.84 -0.65 2.79
CA LYS F 20 -5.35 0.63 2.27
C LYS F 20 -4.60 1.41 3.35
N GLU F 21 -5.19 1.51 4.54
CA GLU F 21 -4.54 2.23 5.62
C GLU F 21 -3.18 1.64 5.95
N HIS F 22 -3.07 0.30 5.95
CA HIS F 22 -1.78 -0.26 6.33
C HIS F 22 -0.71 0.03 5.29
N ILE F 23 -1.08 -0.03 4.01
CA ILE F 23 -0.09 0.25 2.97
C ILE F 23 0.33 1.72 2.97
N TYR F 24 -0.60 2.63 3.30
CA TYR F 24 -0.26 4.05 3.42
C TYR F 24 0.71 4.32 4.56
N THR F 25 0.38 3.85 5.76
CA THR F 25 1.26 4.08 6.90
C THR F 25 2.62 3.45 6.65
N SER F 26 2.64 2.24 6.07
CA SER F 26 3.91 1.59 5.74
C SER F 26 4.69 2.39 4.70
N LEU F 27 4.00 2.93 3.68
CA LEU F 27 4.67 3.70 2.64
C LEU F 27 5.35 4.92 3.24
N VAL F 28 4.62 5.68 4.07
CA VAL F 28 5.21 6.86 4.71
C VAL F 28 6.42 6.45 5.55
N LEU F 29 6.30 5.36 6.31
CA LEU F 29 7.43 4.84 7.08
C LEU F 29 8.59 4.43 6.15
N GLN F 30 8.28 3.84 5.00
CA GLN F 30 9.33 3.46 4.07
C GLN F 30 10.13 4.67 3.59
N SER F 31 9.50 5.84 3.45
CA SER F 31 10.27 6.99 2.96
C SER F 31 11.46 7.28 3.86
N SER F 32 11.28 7.18 5.18
CA SER F 32 12.38 7.45 6.09
C SER F 32 13.41 6.31 6.08
N GLN F 33 12.96 5.06 5.89
CA GLN F 33 13.95 4.00 5.77
C GLN F 33 14.77 4.16 4.50
N SER F 34 14.10 4.45 3.38
CA SER F 34 14.77 4.68 2.10
C SER F 34 15.85 5.74 2.25
N LEU F 35 15.53 6.83 2.93
CA LEU F 35 16.49 7.90 3.16
C LEU F 35 17.75 7.39 3.83
N ILE F 36 17.60 6.61 4.91
CA ILE F 36 18.76 6.08 5.64
C ILE F 36 19.55 5.11 4.78
N LEU F 37 18.86 4.12 4.19
CA LEU F 37 19.55 3.05 3.50
C LEU F 37 20.31 3.55 2.28
N SER F 38 19.70 4.45 1.51
CA SER F 38 20.34 4.95 0.29
C SER F 38 21.61 5.75 0.63
N ALA F 39 21.60 6.46 1.75
CA ALA F 39 22.72 7.34 2.04
C ALA F 39 23.82 6.63 2.83
N CYS F 40 23.53 5.46 3.42
CA CYS F 40 24.45 4.78 4.32
C CYS F 40 24.72 3.36 3.82
N PRO F 41 25.53 3.23 2.77
CA PRO F 41 25.79 1.88 2.20
C PRO F 41 26.49 0.93 3.19
N SER F 42 27.26 1.45 4.13
CA SER F 42 27.92 0.59 5.12
C SER F 42 26.93 -0.24 5.95
N LEU F 43 25.65 0.18 6.03
CA LEU F 43 24.65 -0.62 6.74
C LEU F 43 24.40 -1.96 6.10
N GLN F 44 24.75 -2.13 4.82
CA GLN F 44 24.56 -3.42 4.15
C GLN F 44 25.50 -4.49 4.69
N SER F 45 26.55 -4.09 5.40
CA SER F 45 27.43 -5.02 6.10
C SER F 45 26.73 -5.75 7.24
N GLN F 46 25.59 -5.24 7.71
CA GLN F 46 24.78 -5.93 8.71
C GLN F 46 23.36 -5.86 8.19
N ARG F 47 23.00 -6.83 7.35
CA ARG F 47 21.73 -6.78 6.64
C ARG F 47 20.54 -6.82 7.57
N GLN F 48 20.71 -7.35 8.79
CA GLN F 48 19.61 -7.34 9.75
C GLN F 48 19.18 -5.92 10.09
N PHE F 49 20.11 -4.95 10.03
CA PHE F 49 19.76 -3.55 10.27
C PHE F 49 18.90 -2.97 9.15
N CYS F 50 18.79 -3.65 8.01
CA CYS F 50 18.20 -3.10 6.80
C CYS F 50 16.76 -3.55 6.56
N SER F 51 16.21 -4.45 7.37
CA SER F 51 14.84 -4.90 7.11
C SER F 51 13.86 -3.81 7.51
N PHE F 52 12.71 -3.78 6.82
CA PHE F 52 11.67 -2.84 7.18
C PHE F 52 11.16 -3.07 8.60
N GLU F 53 11.15 -4.33 9.06
CA GLU F 53 10.73 -4.60 10.43
C GLU F 53 11.68 -3.95 11.42
N TYR F 54 12.99 -3.98 11.14
CA TYR F 54 13.95 -3.31 12.00
C TYR F 54 13.69 -1.81 12.04
N HIS F 55 13.41 -1.22 10.89
CA HIS F 55 13.07 0.21 10.84
C HIS F 55 11.84 0.52 11.67
N GLN F 56 10.82 -0.34 11.60
CA GLN F 56 9.62 -0.14 12.41
C GLN F 56 9.94 -0.20 13.89
N GLN F 57 10.77 -1.17 14.28
CA GLN F 57 11.19 -1.27 15.67
C GLN F 57 11.93 -0.02 16.09
N PHE F 58 12.77 0.51 15.18
CA PHE F 58 13.49 1.75 15.41
C PHE F 58 12.53 2.92 15.65
N ILE F 59 11.56 3.10 14.76
CA ILE F 59 10.64 4.23 14.87
C ILE F 59 9.80 4.12 16.13
N ASP F 60 9.34 2.90 16.43
CA ASP F 60 8.59 2.69 17.67
C ASP F 60 9.42 3.07 18.88
N TRP F 61 10.69 2.66 18.91
CA TRP F 61 11.57 3.03 20.00
C TRP F 61 11.71 4.55 20.10
N CYS F 62 11.73 5.24 18.95
CA CYS F 62 11.79 6.69 18.97
C CYS F 62 10.53 7.29 19.58
N PHE F 63 9.38 6.65 19.37
CA PHE F 63 8.14 7.15 19.92
C PHE F 63 8.10 6.97 21.43
N PHE F 64 8.48 5.79 21.91
CA PHE F 64 8.44 5.54 23.35
C PHE F 64 9.46 6.40 24.09
N ASN F 65 10.57 6.75 23.44
CA ASN F 65 11.62 7.50 24.12
C ASN F 65 11.72 8.93 23.66
N LYS F 66 10.75 9.42 22.88
CA LYS F 66 10.76 10.77 22.31
C LYS F 66 12.10 11.13 21.68
N LYS F 67 12.65 10.21 20.89
CA LYS F 67 13.80 10.54 20.06
C LYS F 67 13.34 11.32 18.84
N ARG F 68 14.20 12.24 18.39
CA ARG F 68 13.88 13.07 17.26
C ARG F 68 13.88 12.27 15.96
N THR F 69 12.86 12.47 15.15
CA THR F 69 12.79 11.88 13.84
C THR F 69 12.78 12.95 12.74
N ASP F 70 13.30 14.14 13.02
CA ASP F 70 13.52 15.15 11.98
C ASP F 70 14.91 14.93 11.37
N TRP F 71 15.68 16.00 11.12
CA TRP F 71 17.00 15.83 10.53
C TRP F 71 17.93 15.00 11.43
N CYS F 72 17.60 14.87 12.72
CA CYS F 72 18.35 14.05 13.67
C CYS F 72 17.98 12.57 13.60
N LEU F 73 17.12 12.17 12.67
CA LEU F 73 16.71 10.77 12.55
C LEU F 73 17.92 9.84 12.48
N ALA F 74 18.88 10.17 11.61
CA ALA F 74 20.07 9.34 11.46
C ALA F 74 20.83 9.23 12.78
N LEU F 75 20.89 10.32 13.55
CA LEU F 75 21.55 10.23 14.84
C LEU F 75 20.76 9.35 15.80
N SER F 76 19.45 9.54 15.86
CA SER F 76 18.59 8.63 16.61
C SER F 76 18.83 7.16 16.23
N PHE F 77 18.98 6.86 14.93
CA PHE F 77 19.19 5.49 14.50
C PHE F 77 20.48 4.92 15.06
N TYR F 78 21.56 5.72 15.08
CA TYR F 78 22.77 5.24 15.71
C TYR F 78 22.51 4.92 17.17
N GLN F 79 21.76 5.79 17.85
CA GLN F 79 21.47 5.55 19.27
C GLN F 79 20.66 4.28 19.45
N TYR F 80 19.73 3.99 18.53
CA TYR F 80 19.01 2.73 18.59
C TYR F 80 19.94 1.54 18.38
N LEU F 81 20.82 1.61 17.37
CA LEU F 81 21.78 0.53 17.14
C LEU F 81 22.61 0.28 18.38
N SER F 82 23.05 1.35 19.04
CA SER F 82 23.79 1.22 20.29
C SER F 82 22.92 0.61 21.38
N TYR F 83 21.68 1.10 21.50
CA TYR F 83 20.78 0.55 22.51
C TYR F 83 20.52 -0.94 22.30
N LYS F 84 20.59 -1.40 21.05
CA LYS F 84 20.24 -2.77 20.69
C LYS F 84 21.44 -3.66 20.45
N ASN F 85 22.50 -3.12 19.89
CA ASN F 85 23.62 -3.96 19.53
C ASN F 85 24.77 -3.69 20.47
N GLU F 86 25.59 -4.73 20.53
CA GLU F 86 26.78 -4.84 21.32
C GLU F 86 27.89 -3.95 20.78
N GLN F 87 27.92 -3.73 19.46
CA GLN F 87 28.86 -2.82 18.78
C GLN F 87 28.36 -2.51 17.38
N VAL F 88 28.85 -1.37 16.88
CA VAL F 88 28.47 -0.77 15.60
C VAL F 88 29.75 -0.21 14.98
N SER F 89 29.98 -0.47 13.69
CA SER F 89 31.22 -0.03 13.09
C SER F 89 31.27 1.49 12.96
N VAL F 90 32.48 2.04 13.06
CA VAL F 90 32.66 3.48 12.94
C VAL F 90 32.27 3.96 11.55
N GLU F 91 32.28 3.07 10.57
CA GLU F 91 31.87 3.51 9.23
C GLU F 91 30.36 3.77 9.22
N ILE F 92 29.59 2.97 9.96
CA ILE F 92 28.17 3.26 10.11
C ILE F 92 27.96 4.59 10.84
N LEU F 93 28.65 4.78 11.95
CA LEU F 93 28.55 6.04 12.69
C LEU F 93 28.85 7.24 11.81
N LYS F 94 29.95 7.17 11.05
CA LYS F 94 30.34 8.29 10.19
C LYS F 94 29.28 8.58 9.14
N GLU F 95 28.83 7.56 8.41
CA GLU F 95 27.81 7.76 7.39
C GLU F 95 26.54 8.36 7.99
N LEU F 96 26.17 7.96 9.20
CA LEU F 96 24.95 8.48 9.79
C LEU F 96 25.11 9.94 10.20
N ILE F 97 26.28 10.33 10.70
CA ILE F 97 26.52 11.74 11.00
C ILE F 97 26.48 12.57 9.72
N HIS F 98 27.09 12.04 8.65
CA HIS F 98 27.06 12.72 7.36
C HIS F 98 25.62 12.92 6.89
N LEU F 99 24.80 11.88 7.02
CA LEU F 99 23.39 12.00 6.62
C LEU F 99 22.70 13.10 7.41
N ALA F 100 22.90 13.12 8.72
CA ALA F 100 22.29 14.14 9.58
C ALA F 100 22.72 15.54 9.17
N CYS F 101 24.00 15.72 8.83
CA CYS F 101 24.46 17.04 8.42
C CYS F 101 23.80 17.46 7.11
N SER F 102 23.70 16.53 6.16
CA SER F 102 22.99 16.79 4.91
C SER F 102 21.54 17.16 5.18
N GLN F 103 20.83 16.35 5.96
CA GLN F 103 19.40 16.58 6.20
C GLN F 103 19.16 17.90 6.91
N TRP F 104 20.10 18.33 7.76
CA TRP F 104 19.98 19.65 8.36
C TRP F 104 19.94 20.75 7.30
N THR F 105 20.84 20.67 6.30
CA THR F 105 20.89 21.74 5.29
C THR F 105 19.59 21.83 4.49
N TYR F 106 18.81 20.76 4.41
CA TYR F 106 17.51 20.78 3.75
C TYR F 106 16.36 21.21 4.64
N ALA F 107 16.48 21.00 5.94
CA ALA F 107 15.34 21.18 6.84
C ALA F 107 15.35 22.52 7.53
N ASP F 108 16.52 23.05 7.85
CA ASP F 108 16.63 24.26 8.65
C ASP F 108 16.31 25.48 7.80
N LYS F 109 15.34 26.29 8.25
CA LYS F 109 14.85 27.42 7.49
C LYS F 109 15.24 28.74 8.17
N SER F 110 16.51 28.89 8.51
CA SER F 110 17.07 30.10 9.11
C SER F 110 18.16 30.65 8.19
N THR F 111 18.66 31.84 8.52
CA THR F 111 19.80 32.38 7.79
C THR F 111 21.11 31.70 8.17
N ASN F 112 21.11 30.81 9.17
CA ASN F 112 22.31 30.09 9.54
C ASN F 112 22.74 29.16 8.41
N GLN F 113 24.05 29.10 8.17
CA GLN F 113 24.54 28.32 7.04
C GLN F 113 25.14 26.98 7.43
N THR F 114 25.40 26.73 8.73
CA THR F 114 26.33 25.67 9.10
C THR F 114 25.84 24.88 10.32
N VAL F 115 25.93 23.56 10.25
CA VAL F 115 25.77 22.70 11.42
C VAL F 115 27.09 21.98 11.65
N VAL F 116 27.45 21.82 12.92
CA VAL F 116 28.65 21.08 13.32
C VAL F 116 28.21 19.99 14.28
N ILE F 117 28.68 18.77 14.05
CA ILE F 117 28.36 17.62 14.89
C ILE F 117 29.65 16.90 15.27
N CYS F 118 29.72 16.44 16.52
CA CYS F 118 30.76 15.51 16.95
C CYS F 118 30.14 14.41 17.79
N HIS F 119 30.88 13.33 17.94
CA HIS F 119 30.50 12.21 18.78
C HIS F 119 31.71 11.80 19.60
N THR F 120 31.45 11.39 20.83
CA THR F 120 32.52 11.02 21.75
C THR F 120 33.36 9.86 21.24
N ARG F 121 32.78 9.00 20.42
CA ARG F 121 33.54 7.89 19.89
C ARG F 121 34.60 8.37 18.90
N LEU F 122 34.50 9.60 18.41
CA LEU F 122 35.44 10.13 17.41
C LEU F 122 35.96 11.48 17.88
N PRO F 123 36.76 11.50 18.95
CA PRO F 123 37.19 12.79 19.52
C PRO F 123 38.06 13.64 18.59
N SER F 124 38.67 13.07 17.56
CA SER F 124 39.54 13.85 16.69
C SER F 124 38.90 14.20 15.34
N MET F 125 37.57 14.19 15.27
CA MET F 125 36.88 14.46 14.02
C MET F 125 35.74 15.43 14.27
N VAL F 126 35.63 16.42 13.40
CA VAL F 126 34.55 17.41 13.44
C VAL F 126 33.79 17.26 12.14
N PHE F 127 32.49 16.99 12.25
CA PHE F 127 31.60 16.86 11.11
C PHE F 127 30.77 18.12 10.95
N GLY F 128 30.41 18.42 9.71
CA GLY F 128 29.66 19.62 9.44
C GLY F 128 28.87 19.50 8.16
N GLY F 129 27.91 20.41 8.02
CA GLY F 129 27.23 20.59 6.75
C GLY F 129 27.05 22.07 6.49
N ASN F 130 27.26 22.50 5.24
CA ASN F 130 27.00 23.86 4.78
C ASN F 130 25.84 23.84 3.81
N LYS F 131 24.84 24.69 4.04
CA LYS F 131 23.81 24.89 3.03
C LYS F 131 24.42 25.39 1.74
N SER F 132 23.74 25.13 0.63
CA SER F 132 24.10 25.74 -0.64
C SER F 132 24.09 27.26 -0.52
N LEU F 133 25.14 27.91 -1.03
CA LEU F 133 25.25 29.36 -1.06
C LEU F 133 25.13 29.95 -2.46
N PHE F 134 25.04 29.11 -3.49
CA PHE F 134 24.93 29.57 -4.87
C PHE F 134 24.00 28.62 -5.60
N ALA F 135 23.22 29.18 -6.52
CA ALA F 135 22.08 28.47 -7.10
C ALA F 135 22.45 27.08 -7.62
N GLN F 136 23.59 26.95 -8.30
CA GLN F 136 23.92 25.69 -8.95
C GLN F 136 24.92 24.86 -8.16
N GLU F 137 25.13 25.19 -6.89
CA GLU F 137 26.10 24.48 -6.08
C GLU F 137 25.40 23.60 -5.05
N PHE F 138 25.85 22.35 -4.95
CA PHE F 138 25.29 21.45 -3.96
C PHE F 138 25.65 21.91 -2.56
N ARG F 139 24.74 21.66 -1.62
CA ARG F 139 25.08 21.74 -0.21
C ARG F 139 26.34 20.92 0.04
N GLU F 140 27.07 21.30 1.07
CA GLU F 140 28.38 20.72 1.32
C GLU F 140 28.40 19.98 2.64
N VAL F 141 28.72 18.69 2.58
CA VAL F 141 28.87 17.85 3.77
C VAL F 141 30.36 17.62 3.96
N PHE F 142 30.89 17.97 5.12
CA PHE F 142 32.33 17.93 5.29
C PHE F 142 32.75 17.29 6.60
N LEU F 143 34.05 17.02 6.66
CA LEU F 143 34.72 16.35 7.77
C LEU F 143 36.09 16.98 7.95
N LEU F 144 36.44 17.28 9.20
CA LEU F 144 37.75 17.81 9.56
C LEU F 144 38.42 16.89 10.58
N GLU F 145 39.74 16.72 10.43
CA GLU F 145 40.55 16.05 11.43
C GLU F 145 41.21 17.13 12.28
N THR F 146 40.82 17.20 13.55
CA THR F 146 41.30 18.25 14.43
C THR F 146 40.95 17.87 15.86
N GLU F 147 41.79 18.29 16.79
CA GLU F 147 41.52 18.07 18.20
C GLU F 147 40.87 19.29 18.86
N GLN F 148 40.48 20.27 18.04
CA GLN F 148 40.00 21.55 18.56
C GLN F 148 38.79 21.42 19.47
N LEU F 149 37.89 20.48 19.21
CA LEU F 149 36.65 20.35 19.97
C LEU F 149 36.69 19.20 20.98
N LYS F 150 37.85 18.57 21.14
CA LYS F 150 38.00 17.45 22.11
C LYS F 150 37.49 17.84 23.50
N PRO F 151 37.79 19.03 24.09
CA PRO F 151 37.25 19.32 25.43
C PRO F 151 35.73 19.16 25.58
N PHE F 152 34.96 19.54 24.57
CA PHE F 152 33.50 19.42 24.63
C PHE F 152 33.00 17.98 24.62
N ILE F 153 33.79 17.02 24.11
CA ILE F 153 33.38 15.62 24.04
C ILE F 153 34.15 14.72 25.02
N GLN F 154 35.08 15.27 25.78
CA GLN F 154 35.75 14.44 26.79
C GLN F 154 35.63 14.94 28.22
N SER F 155 35.57 16.26 28.38
CA SER F 155 35.50 16.89 29.70
C SER F 155 34.08 17.05 30.20
N HIS F 156 33.11 16.39 29.56
CA HIS F 156 31.71 16.47 29.97
C HIS F 156 31.20 15.09 30.41
N VAL F 157 31.09 14.13 29.47
CA VAL F 157 30.71 12.73 29.87
C VAL F 157 31.59 11.72 29.12
N PRO F 158 32.17 10.69 29.77
CA PRO F 158 32.92 9.65 29.05
C PRO F 158 31.97 8.71 28.29
N ASP F 159 30.66 8.89 28.50
CA ASP F 159 29.63 8.03 27.84
C ASP F 159 29.49 8.45 26.37
N GLY F 160 28.81 7.62 25.57
CA GLY F 160 28.59 7.94 24.14
C GLY F 160 27.46 8.93 23.96
N TYR F 161 27.69 10.00 23.17
CA TYR F 161 26.66 10.99 22.92
C TYR F 161 27.14 11.88 21.78
N PHE F 162 26.19 12.39 21.02
CA PHE F 162 26.48 13.46 20.07
C PHE F 162 26.41 14.81 20.76
N VAL F 163 27.09 15.79 20.17
CA VAL F 163 26.88 17.19 20.48
C VAL F 163 26.88 17.94 19.17
N TYR F 164 26.00 18.93 19.04
CA TYR F 164 25.90 19.63 17.78
C TYR F 164 25.74 21.13 18.04
N TRP F 165 26.16 21.91 17.05
CA TRP F 165 26.09 23.36 17.08
C TRP F 165 25.53 23.84 15.74
N ILE F 166 24.63 24.81 15.80
CA ILE F 166 24.19 25.53 14.61
C ILE F 166 24.93 26.85 14.57
N LEU F 167 25.58 27.15 13.45
CA LEU F 167 26.44 28.30 13.33
C LEU F 167 26.02 29.18 12.17
N ARG F 168 26.37 30.46 12.25
CA ARG F 168 26.01 31.40 11.17
C ARG F 168 26.72 31.04 9.87
N ASP F 169 27.97 30.58 9.97
CA ASP F 169 28.73 30.12 8.81
C ASP F 169 29.81 29.20 9.34
N ASP F 170 30.77 28.83 8.49
CA ASP F 170 31.82 27.91 8.90
C ASP F 170 33.16 28.60 9.10
N SER F 171 33.13 29.90 9.44
CA SER F 171 34.37 30.64 9.58
C SER F 171 35.12 30.26 10.85
N GLU F 172 34.40 29.96 11.93
CA GLU F 172 34.99 29.69 13.24
C GLU F 172 34.47 28.38 13.82
N TYR F 173 35.30 27.75 14.63
CA TYR F 173 34.84 26.66 15.47
C TYR F 173 33.91 27.18 16.56
N PRO F 174 33.02 26.34 17.08
CA PRO F 174 32.28 26.73 18.29
C PRO F 174 33.24 26.92 19.45
N SER F 175 32.98 27.97 20.23
CA SER F 175 33.76 28.24 21.42
C SER F 175 33.14 27.63 22.67
N THR F 176 31.82 27.46 22.70
CA THR F 176 31.06 27.06 23.88
C THR F 176 30.57 25.62 23.72
N MET F 177 29.89 25.11 24.76
CA MET F 177 29.25 23.80 24.68
C MET F 177 27.96 23.84 23.87
N GLY F 178 27.78 22.83 23.03
CA GLY F 178 26.58 22.67 22.23
C GLY F 178 25.59 21.74 22.92
N GLU F 179 24.62 21.27 22.12
CA GLU F 179 23.52 20.50 22.69
C GLU F 179 23.75 18.99 22.65
N LYS F 180 23.27 18.32 23.70
CA LYS F 180 23.31 16.88 23.87
C LYS F 180 24.73 16.43 24.14
FE FE G . -20.07 -23.53 3.69
FE FE H . -17.58 -25.64 5.38
FE FE I . -18.30 -20.64 2.44
FE FE J . 3.31 21.87 -3.97
FE FE K . 1.70 20.96 -7.05
FE FE L . 1.23 17.35 -6.97
#